data_4JU2
#
_entry.id   4JU2
#
_cell.length_a   105.540
_cell.length_b   107.740
_cell.length_c   135.820
_cell.angle_alpha   90.00
_cell.angle_beta   90.00
_cell.angle_gamma   90.00
#
_symmetry.space_group_name_H-M   'P 21 21 21'
#
loop_
_entity.id
_entity.type
_entity.pdbx_description
1 polymer 'Genome polyprotein'
2 non-polymer GLYCEROL
3 non-polymer 6-[3-(pyridin-2-yl)-2-(trifluoromethyl)phenoxy]-1-(2,4,6-trifluorobenzyl)quinazolin-4(1H)-one
4 non-polymer 'MAGNESIUM ION'
5 water water
#
_entity_poly.entity_id   1
_entity_poly.type   'polypeptide(L)'
_entity_poly.pdbx_seq_one_letter_code
;SMSYTWTGALITPCAAEESKLPINPLSNSLLRHHNMVYATTSRSASLRQKKVTFDRLQVLDDHYRDVLKEMKAKASTVKA
KLLSIEEACKLTPPHSAKSKFGYGAKDVRNLSSRAVNHIRSVWEDLLEDTETPIDTTIMAKSEVFCVQPEKGGRKPARLI
VFPDLGVRVCEKMALYDVVSTLPQAVMGSSYGFQYSPKQRVEFLVNTWKSKKCPMGFSYDTRCFDSTVTESDIRVEESIY
QCCDLAPEARQAIRSLTERLYIGGPLTNSKGQNCGYRRCRASGVLTTSCGNTLTCYLKATAACRAAKLQDCTMLVNGDDL
VVICESAGTQEDAAALRAFTEAMTRYSAPPGDPPQPEYDLELITSCSSNVSVAHDASGKRVYYLTRDPTTPLARAAWETA
RHTPINSWLGNIIMYAPTLWARMILMTHFFSILLAQEQLEKALDCQIYGACYSIEPLDLPQIIERLHGLSAFTLHSYSPG
EINRVASCLRKLGVPPLRTWRHRARSVRAKLLSQGGRAATCGRYLFNWAVRTKLKLTPIPAASQLDLSGWFVAGYSGGDI
YHSLSRARPRHHHHHH
;
_entity_poly.pdbx_strand_id   A,B
#
loop_
_chem_comp.id
_chem_comp.type
_chem_comp.name
_chem_comp.formula
1O0 non-polymer 6-[3-(pyridin-2-yl)-2-(trifluoromethyl)phenoxy]-1-(2,4,6-trifluorobenzyl)quinazolin-4(1H)-one 'C27 H15 F6 N3 O2'
GOL non-polymer GLYCEROL 'C3 H8 O3'
MG non-polymer 'MAGNESIUM ION' 'Mg 2'
#
# COMPACT_ATOMS: atom_id res chain seq x y z
N SER A 1 19.93 -16.65 -1.80
CA SER A 1 21.31 -16.17 -1.48
C SER A 1 21.74 -16.69 -0.12
N MET A 2 22.97 -16.39 0.27
CA MET A 2 23.49 -16.84 1.55
C MET A 2 23.00 -15.95 2.68
N SER A 3 22.37 -16.56 3.67
CA SER A 3 21.85 -15.84 4.80
C SER A 3 22.98 -14.99 5.34
N TYR A 4 24.19 -15.54 5.27
CA TYR A 4 25.38 -14.85 5.76
C TYR A 4 26.61 -15.13 4.89
N THR A 5 27.62 -14.30 5.06
CA THR A 5 28.90 -14.42 4.37
C THR A 5 29.88 -13.91 5.39
N TRP A 6 30.93 -14.66 5.69
CA TRP A 6 31.86 -14.22 6.71
C TRP A 6 33.24 -13.90 6.16
N THR A 7 33.86 -12.84 6.67
CA THR A 7 35.20 -12.42 6.23
C THR A 7 36.27 -13.26 6.91
N GLY A 8 35.98 -13.72 8.12
CA GLY A 8 36.93 -14.51 8.86
C GLY A 8 37.23 -13.87 10.20
N ALA A 9 36.95 -12.57 10.31
CA ALA A 9 37.17 -11.87 11.58
C ALA A 9 36.25 -12.53 12.58
N LEU A 10 36.66 -12.54 13.85
CA LEU A 10 35.89 -13.18 14.92
C LEU A 10 34.84 -12.31 15.58
N ILE A 11 33.74 -12.94 15.99
CA ILE A 11 32.68 -12.23 16.71
C ILE A 11 33.30 -12.06 18.08
N THR A 12 33.85 -10.87 18.33
CA THR A 12 34.55 -10.60 19.57
C THR A 12 33.70 -10.10 20.73
N PRO A 13 34.07 -10.49 21.96
CA PRO A 13 33.35 -10.07 23.16
C PRO A 13 33.55 -8.56 23.28
N CYS A 14 32.87 -7.94 24.24
CA CYS A 14 33.00 -6.50 24.41
C CYS A 14 33.62 -6.22 25.77
N ALA A 15 33.97 -7.31 26.46
CA ALA A 15 34.57 -7.26 27.80
C ALA A 15 34.74 -8.69 28.30
N ALA A 16 34.89 -8.82 29.61
CA ALA A 16 35.05 -10.14 30.23
C ALA A 16 33.67 -10.79 30.24
N GLU A 17 33.62 -12.06 29.85
CA GLU A 17 32.34 -12.79 29.80
C GLU A 17 32.36 -13.92 30.80
N GLU A 18 31.28 -14.05 31.57
CA GLU A 18 31.15 -15.10 32.58
C GLU A 18 30.32 -16.25 32.03
N SER A 19 30.79 -17.47 32.21
CA SER A 19 30.05 -18.63 31.73
C SER A 19 29.58 -19.49 32.89
N LYS A 20 30.34 -19.46 33.98
CA LYS A 20 29.99 -20.24 35.17
C LYS A 20 29.25 -19.43 36.21
N LEU A 21 28.30 -20.07 36.88
CA LEU A 21 27.54 -19.43 37.93
C LEU A 21 28.49 -19.29 39.10
N PRO A 22 28.67 -18.06 39.59
CA PRO A 22 29.56 -17.78 40.73
C PRO A 22 28.88 -18.32 42.00
N ILE A 23 29.66 -18.79 42.97
CA ILE A 23 29.05 -19.32 44.19
C ILE A 23 28.79 -18.19 45.19
N ASN A 24 27.51 -17.93 45.41
CA ASN A 24 27.07 -16.89 46.31
C ASN A 24 26.19 -17.55 47.36
N PRO A 25 26.38 -17.19 48.63
CA PRO A 25 25.61 -17.76 49.73
C PRO A 25 24.09 -17.78 49.51
N LEU A 26 23.60 -16.93 48.62
CA LEU A 26 22.18 -16.84 48.32
C LEU A 26 21.71 -17.78 47.20
N SER A 27 22.62 -18.08 46.28
CA SER A 27 22.31 -18.94 45.15
C SER A 27 21.93 -20.37 45.57
N ASN A 28 22.68 -20.91 46.53
CA ASN A 28 22.45 -22.28 46.99
C ASN A 28 21.11 -22.59 47.60
N SER A 29 20.42 -21.56 48.12
CA SER A 29 19.10 -21.77 48.71
C SER A 29 18.16 -22.21 47.60
N LEU A 30 18.31 -21.58 46.44
CA LEU A 30 17.50 -21.87 45.27
C LEU A 30 17.85 -23.26 44.70
N LEU A 31 19.07 -23.43 44.21
CA LEU A 31 19.47 -24.74 43.68
C LEU A 31 20.91 -25.08 44.04
N ARG A 32 21.17 -26.37 44.30
CA ARG A 32 22.49 -26.84 44.68
C ARG A 32 23.38 -27.20 43.49
N HIS A 33 22.78 -27.68 42.40
CA HIS A 33 23.51 -28.06 41.20
C HIS A 33 23.90 -26.86 40.36
N HIS A 34 24.74 -25.97 40.92
CA HIS A 34 25.13 -24.78 40.18
C HIS A 34 25.94 -25.02 38.93
N ASN A 35 26.66 -26.14 38.86
CA ASN A 35 27.46 -26.41 37.67
C ASN A 35 26.60 -26.81 36.47
N MET A 36 25.28 -26.80 36.67
CA MET A 36 24.34 -27.12 35.60
C MET A 36 23.88 -25.83 34.94
N VAL A 37 24.15 -24.72 35.61
CA VAL A 37 23.78 -23.38 35.15
C VAL A 37 24.97 -22.70 34.48
N TYR A 38 24.78 -22.26 33.24
CA TYR A 38 25.85 -21.61 32.49
C TYR A 38 25.33 -20.46 31.64
N ALA A 39 26.18 -19.47 31.40
CA ALA A 39 25.82 -18.33 30.57
C ALA A 39 26.60 -18.47 29.27
N THR A 40 25.92 -18.32 28.13
CA THR A 40 26.59 -18.43 26.82
C THR A 40 27.55 -17.27 26.60
N THR A 41 28.64 -17.54 25.89
CA THR A 41 29.64 -16.51 25.61
C THR A 41 30.05 -16.55 24.13
N SER A 42 30.83 -15.54 23.74
CA SER A 42 31.29 -15.42 22.36
C SER A 42 32.17 -16.60 21.96
N ARG A 43 32.65 -17.35 22.95
CA ARG A 43 33.49 -18.49 22.67
C ARG A 43 32.76 -19.54 21.85
N SER A 44 31.43 -19.51 21.86
CA SER A 44 30.64 -20.48 21.09
C SER A 44 30.08 -19.92 19.79
N ALA A 45 30.41 -18.66 19.49
CA ALA A 45 29.95 -17.95 18.30
C ALA A 45 30.10 -18.74 17.00
N SER A 46 31.30 -19.26 16.77
CA SER A 46 31.60 -20.03 15.57
C SER A 46 30.57 -21.15 15.36
N LEU A 47 30.27 -21.88 16.43
CA LEU A 47 29.29 -22.97 16.37
C LEU A 47 27.96 -22.46 15.85
N ARG A 48 27.57 -21.30 16.36
CA ARG A 48 26.33 -20.65 15.98
C ARG A 48 26.36 -20.27 14.51
N GLN A 49 27.38 -19.50 14.14
CA GLN A 49 27.55 -19.06 12.77
C GLN A 49 27.36 -20.17 11.76
N LYS A 50 27.95 -21.33 12.03
CA LYS A 50 27.84 -22.45 11.12
C LYS A 50 26.39 -22.89 10.94
N LYS A 51 25.61 -22.78 12.01
CA LYS A 51 24.21 -23.18 11.99
C LYS A 51 23.27 -22.19 11.32
N VAL A 52 23.55 -20.90 11.45
CA VAL A 52 22.67 -19.87 10.86
C VAL A 52 23.08 -19.47 9.45
N THR A 53 24.20 -20.05 8.99
CA THR A 53 24.69 -19.75 7.66
C THR A 53 24.26 -20.84 6.67
N PHE A 54 23.63 -20.42 5.58
CA PHE A 54 23.17 -21.36 4.57
C PHE A 54 22.45 -20.61 3.47
N ASP A 55 22.26 -21.29 2.35
CA ASP A 55 21.58 -20.71 1.19
C ASP A 55 20.09 -20.94 1.37
N ARG A 56 19.27 -19.99 0.94
CA ARG A 56 17.84 -20.17 1.10
C ARG A 56 17.15 -20.63 -0.17
N LEU A 57 16.07 -21.38 0.02
CA LEU A 57 15.28 -21.87 -1.09
C LEU A 57 13.90 -21.29 -0.88
N GLN A 58 13.38 -20.58 -1.88
CA GLN A 58 12.04 -20.01 -1.75
C GLN A 58 11.25 -20.05 -3.04
N VAL A 59 10.08 -20.67 -2.98
CA VAL A 59 9.19 -20.80 -4.12
C VAL A 59 7.85 -20.22 -3.71
N LEU A 60 7.45 -19.12 -4.33
CA LEU A 60 6.16 -18.53 -3.99
C LEU A 60 5.08 -19.09 -4.91
N ASP A 61 3.84 -19.06 -4.46
CA ASP A 61 2.74 -19.57 -5.26
C ASP A 61 1.48 -18.74 -5.09
N ASP A 62 0.42 -19.18 -5.76
CA ASP A 62 -0.87 -18.51 -5.73
C ASP A 62 -1.49 -18.33 -4.35
N HIS A 63 -1.25 -19.30 -3.46
CA HIS A 63 -1.78 -19.18 -2.11
C HIS A 63 -1.04 -18.10 -1.35
N TYR A 64 0.28 -18.10 -1.49
CA TYR A 64 1.11 -17.11 -0.83
C TYR A 64 0.63 -15.73 -1.25
N ARG A 65 0.55 -15.53 -2.56
CA ARG A 65 0.11 -14.26 -3.11
C ARG A 65 -1.31 -13.87 -2.68
N ASP A 66 -2.22 -14.82 -2.65
CA ASP A 66 -3.60 -14.54 -2.25
C ASP A 66 -3.67 -13.99 -0.83
N VAL A 67 -3.00 -14.68 0.09
CA VAL A 67 -2.97 -14.29 1.49
C VAL A 67 -2.33 -12.90 1.63
N LEU A 68 -1.25 -12.69 0.89
CA LEU A 68 -0.56 -11.43 0.94
C LEU A 68 -1.53 -10.28 0.66
N LYS A 69 -2.28 -10.37 -0.43
CA LYS A 69 -3.25 -9.32 -0.77
C LYS A 69 -4.30 -9.13 0.32
N GLU A 70 -4.68 -10.22 0.98
CA GLU A 70 -5.66 -10.14 2.05
C GLU A 70 -5.09 -9.31 3.19
N MET A 71 -3.79 -9.49 3.44
CA MET A 71 -3.13 -8.77 4.52
C MET A 71 -2.94 -7.32 4.13
N LYS A 72 -2.55 -7.09 2.88
CA LYS A 72 -2.36 -5.72 2.42
C LYS A 72 -3.68 -4.96 2.51
N ALA A 73 -4.77 -5.58 2.02
CA ALA A 73 -6.07 -4.94 2.06
C ALA A 73 -6.39 -4.45 3.47
N LYS A 74 -6.12 -5.29 4.47
CA LYS A 74 -6.41 -4.89 5.84
C LYS A 74 -5.48 -3.81 6.34
N ALA A 75 -4.21 -3.87 5.93
CA ALA A 75 -3.22 -2.87 6.33
C ALA A 75 -3.64 -1.51 5.79
N SER A 76 -4.26 -1.52 4.60
CA SER A 76 -4.75 -0.33 3.91
C SER A 76 -5.60 0.60 4.79
N THR A 77 -6.17 0.03 5.84
CA THR A 77 -7.03 0.78 6.74
C THR A 77 -6.27 1.54 7.80
N VAL A 78 -4.99 1.22 7.93
CA VAL A 78 -4.15 1.84 8.94
C VAL A 78 -3.61 3.21 8.56
N LYS A 79 -3.44 4.06 9.58
CA LYS A 79 -2.87 5.39 9.41
C LYS A 79 -1.83 5.50 10.50
N ALA A 80 -0.57 5.62 10.10
CA ALA A 80 0.52 5.69 11.06
C ALA A 80 1.01 7.08 11.33
N LYS A 81 1.35 7.33 12.58
CA LYS A 81 1.86 8.64 12.99
C LYS A 81 3.39 8.68 13.06
N LEU A 82 3.95 9.77 12.59
CA LEU A 82 5.40 9.97 12.63
C LEU A 82 5.68 10.43 14.05
N LEU A 83 6.68 9.87 14.70
CA LEU A 83 7.00 10.28 16.06
C LEU A 83 8.00 11.42 16.03
N SER A 84 7.97 12.24 17.07
CA SER A 84 8.90 13.37 17.16
C SER A 84 10.19 12.89 17.78
N ILE A 85 11.30 13.53 17.44
CA ILE A 85 12.61 13.15 17.99
C ILE A 85 12.48 12.97 19.51
N GLU A 86 11.65 13.82 20.12
CA GLU A 86 11.41 13.80 21.55
C GLU A 86 10.71 12.51 22.01
N GLU A 87 9.56 12.18 21.41
CA GLU A 87 8.82 10.97 21.76
C GLU A 87 9.69 9.73 21.59
N ALA A 88 10.39 9.69 20.46
CA ALA A 88 11.27 8.58 20.13
C ALA A 88 12.38 8.42 21.16
N CYS A 89 12.97 9.54 21.57
CA CYS A 89 14.05 9.54 22.55
C CYS A 89 13.59 9.02 23.91
N LYS A 90 12.37 9.34 24.29
CA LYS A 90 11.84 8.91 25.58
C LYS A 90 11.61 7.40 25.62
N LEU A 91 11.53 6.79 24.44
CA LEU A 91 11.35 5.34 24.30
C LEU A 91 12.66 4.56 24.44
N THR A 92 13.80 5.25 24.33
CA THR A 92 15.10 4.60 24.44
C THR A 92 15.39 4.16 25.89
N PRO A 93 15.75 2.88 26.07
CA PRO A 93 16.05 2.40 27.42
C PRO A 93 17.29 3.13 27.93
N PRO A 94 17.31 3.46 29.22
CA PRO A 94 18.47 4.16 29.80
C PRO A 94 19.77 3.36 29.74
N HIS A 95 19.68 2.08 29.41
CA HIS A 95 20.89 1.27 29.33
C HIS A 95 21.19 0.71 27.94
N SER A 96 20.58 1.32 26.93
CA SER A 96 20.78 0.92 25.54
C SER A 96 22.24 1.21 25.17
N ALA A 97 22.79 0.42 24.26
CA ALA A 97 24.19 0.57 23.84
C ALA A 97 24.48 1.98 23.34
N LYS A 98 25.44 2.64 23.98
CA LYS A 98 25.81 4.00 23.60
C LYS A 98 26.17 4.10 22.12
N SER A 99 26.02 5.30 21.56
CA SER A 99 26.33 5.54 20.16
C SER A 99 27.84 5.63 19.98
N LYS A 100 28.31 5.40 18.76
CA LYS A 100 29.75 5.50 18.49
C LYS A 100 29.94 6.90 17.98
N PHE A 101 29.05 7.80 18.41
CA PHE A 101 29.14 9.18 17.98
C PHE A 101 29.12 10.18 19.13
N GLY A 102 29.70 9.76 20.26
CA GLY A 102 29.82 10.63 21.41
C GLY A 102 28.59 10.92 22.24
N TYR A 103 27.74 9.93 22.42
CA TYR A 103 26.54 10.11 23.23
C TYR A 103 25.91 8.75 23.46
N GLY A 104 25.25 8.61 24.61
CA GLY A 104 24.61 7.35 24.94
C GLY A 104 23.17 7.51 25.34
N ALA A 105 22.61 6.44 25.90
CA ALA A 105 21.21 6.43 26.34
C ALA A 105 20.79 7.64 27.15
N LYS A 106 21.53 7.95 28.21
CA LYS A 106 21.21 9.09 29.07
C LYS A 106 21.02 10.37 28.27
N ASP A 107 22.02 10.69 27.45
CA ASP A 107 21.97 11.89 26.63
C ASP A 107 20.72 11.92 25.78
N VAL A 108 20.39 10.78 25.17
CA VAL A 108 19.21 10.70 24.33
C VAL A 108 17.95 10.98 25.13
N ARG A 109 17.83 10.37 26.31
CA ARG A 109 16.67 10.61 27.15
C ARG A 109 16.67 12.05 27.68
N ASN A 110 17.88 12.61 27.85
CA ASN A 110 18.01 13.99 28.33
C ASN A 110 17.97 14.97 27.16
N LEU A 111 17.46 14.52 26.02
CA LEU A 111 17.38 15.35 24.82
C LEU A 111 18.63 16.20 24.62
N SER A 112 19.77 15.65 25.03
CA SER A 112 21.07 16.30 24.91
C SER A 112 21.35 16.82 23.49
N SER A 113 21.90 18.04 23.40
CA SER A 113 22.22 18.68 22.12
C SER A 113 22.97 17.75 21.18
N ARG A 114 24.03 17.11 21.70
CA ARG A 114 24.81 16.21 20.86
C ARG A 114 23.96 15.03 20.37
N ALA A 115 23.25 14.40 21.30
CA ALA A 115 22.41 13.28 20.93
C ALA A 115 21.36 13.72 19.89
N VAL A 116 20.50 14.63 20.29
CA VAL A 116 19.44 15.14 19.43
C VAL A 116 19.94 15.62 18.07
N ASN A 117 21.13 16.19 18.03
CA ASN A 117 21.67 16.70 16.79
C ASN A 117 22.19 15.63 15.82
N HIS A 118 22.75 14.56 16.38
CA HIS A 118 23.26 13.49 15.52
C HIS A 118 22.07 12.72 14.97
N ILE A 119 21.04 12.57 15.80
CA ILE A 119 19.84 11.86 15.42
C ILE A 119 19.19 12.60 14.28
N ARG A 120 19.21 13.93 14.33
CA ARG A 120 18.62 14.73 13.26
C ARG A 120 19.39 14.45 11.96
N SER A 121 20.72 14.45 12.04
CA SER A 121 21.59 14.21 10.88
C SER A 121 21.40 12.80 10.32
N VAL A 122 21.15 11.84 11.21
CA VAL A 122 20.92 10.47 10.79
C VAL A 122 19.60 10.42 10.04
N TRP A 123 18.58 11.11 10.57
CA TRP A 123 17.27 11.14 9.94
C TRP A 123 17.36 11.79 8.56
N GLU A 124 18.07 12.90 8.50
CA GLU A 124 18.25 13.61 7.24
C GLU A 124 18.84 12.68 6.20
N ASP A 125 19.86 11.94 6.60
CA ASP A 125 20.52 11.01 5.71
C ASP A 125 19.56 9.93 5.20
N LEU A 126 18.66 9.45 6.06
CA LEU A 126 17.70 8.43 5.64
C LEU A 126 16.74 8.98 4.59
N LEU A 127 16.57 10.30 4.57
CA LEU A 127 15.70 10.93 3.61
C LEU A 127 16.38 11.23 2.27
N GLU A 128 17.71 11.30 2.28
CA GLU A 128 18.47 11.63 1.07
C GLU A 128 19.22 10.45 0.43
N ASP A 129 19.75 9.57 1.26
CA ASP A 129 20.48 8.41 0.77
C ASP A 129 19.54 7.21 0.82
N THR A 130 19.15 6.72 -0.35
CA THR A 130 18.24 5.59 -0.42
C THR A 130 18.94 4.28 -0.72
N GLU A 131 20.28 4.27 -0.66
CA GLU A 131 21.03 3.07 -1.01
C GLU A 131 22.15 2.59 -0.08
N THR A 132 23.06 3.49 0.27
CA THR A 132 24.19 3.12 1.10
C THR A 132 23.83 2.28 2.32
N PRO A 133 24.33 1.04 2.38
CA PRO A 133 24.09 0.09 3.47
C PRO A 133 24.59 0.63 4.81
N ILE A 134 23.69 0.59 5.80
CA ILE A 134 23.97 1.06 7.16
C ILE A 134 24.80 0.03 7.92
N ASP A 135 25.76 0.52 8.70
CA ASP A 135 26.62 -0.37 9.46
C ASP A 135 25.89 -0.98 10.65
N THR A 136 26.15 -2.26 10.92
CA THR A 136 25.55 -2.94 12.05
C THR A 136 26.63 -3.61 12.86
N THR A 137 26.36 -3.81 14.14
CA THR A 137 27.32 -4.47 14.99
C THR A 137 26.81 -5.87 15.33
N ILE A 138 27.71 -6.84 15.38
CA ILE A 138 27.31 -8.18 15.70
C ILE A 138 27.97 -8.60 17.03
N MET A 139 27.17 -9.21 17.91
CA MET A 139 27.64 -9.66 19.22
C MET A 139 27.10 -11.05 19.51
N ALA A 140 27.76 -11.77 20.41
CA ALA A 140 27.28 -13.08 20.82
C ALA A 140 26.49 -12.72 22.07
N LYS A 141 25.22 -13.12 22.13
CA LYS A 141 24.41 -12.79 23.29
C LYS A 141 24.69 -13.72 24.46
N SER A 142 24.68 -13.14 25.66
CA SER A 142 24.91 -13.90 26.89
C SER A 142 23.56 -14.22 27.53
N GLU A 143 23.19 -15.49 27.55
CA GLU A 143 21.93 -15.93 28.15
C GLU A 143 22.18 -17.17 28.97
N VAL A 144 21.49 -17.26 30.10
CA VAL A 144 21.63 -18.38 31.04
C VAL A 144 20.68 -19.55 30.81
N PHE A 145 21.25 -20.75 30.84
CA PHE A 145 20.48 -21.97 30.64
C PHE A 145 20.95 -23.04 31.60
N CYS A 146 20.24 -24.16 31.60
CA CYS A 146 20.58 -25.30 32.42
C CYS A 146 21.03 -26.35 31.40
N VAL A 147 22.15 -27.01 31.65
CA VAL A 147 22.66 -28.03 30.72
C VAL A 147 21.62 -29.12 30.50
N GLN A 148 21.45 -29.53 29.25
CA GLN A 148 20.48 -30.56 28.93
C GLN A 148 21.19 -31.81 28.48
N PRO A 149 20.72 -32.99 28.93
CA PRO A 149 21.22 -34.34 28.64
C PRO A 149 22.08 -34.49 27.38
N GLY A 153 24.57 -31.12 24.55
CA GLY A 153 25.32 -30.59 25.76
C GLY A 153 24.92 -29.19 26.20
N ARG A 154 25.50 -28.17 25.54
CA ARG A 154 25.18 -26.78 25.83
C ARG A 154 24.71 -26.09 24.55
N LYS A 155 24.19 -24.87 24.69
CA LYS A 155 23.70 -24.14 23.54
C LYS A 155 24.75 -23.12 23.11
N PRO A 156 24.89 -22.92 21.78
CA PRO A 156 25.85 -21.95 21.26
C PRO A 156 25.18 -20.60 21.43
N ALA A 157 25.95 -19.58 21.78
CA ALA A 157 25.39 -18.25 21.97
C ALA A 157 24.57 -17.87 20.75
N ARG A 158 23.53 -17.06 20.97
CA ARG A 158 22.74 -16.58 19.85
C ARG A 158 23.45 -15.31 19.37
N LEU A 159 23.24 -14.95 18.12
CA LEU A 159 23.90 -13.78 17.57
C LEU A 159 22.93 -12.61 17.44
N ILE A 160 23.35 -11.44 17.88
CA ILE A 160 22.50 -10.27 17.78
C ILE A 160 23.15 -9.22 16.91
N VAL A 161 22.36 -8.67 15.99
CA VAL A 161 22.83 -7.66 15.05
C VAL A 161 22.00 -6.39 15.24
N PHE A 162 22.66 -5.26 15.43
CA PHE A 162 21.94 -4.02 15.62
C PHE A 162 22.68 -2.84 15.05
N PRO A 163 21.96 -1.77 14.68
CA PRO A 163 22.54 -0.54 14.13
C PRO A 163 22.87 0.36 15.30
N ASP A 164 23.52 1.49 15.03
CA ASP A 164 23.88 2.47 16.06
C ASP A 164 22.66 3.10 16.72
N LEU A 165 22.87 3.65 17.91
CA LEU A 165 21.80 4.30 18.67
C LEU A 165 21.11 5.36 17.83
N GLY A 166 21.90 6.11 17.07
CA GLY A 166 21.34 7.15 16.22
C GLY A 166 20.27 6.55 15.35
N VAL A 167 20.66 5.54 14.57
CA VAL A 167 19.74 4.84 13.68
C VAL A 167 18.53 4.33 14.44
N ARG A 168 18.78 3.71 15.59
CA ARG A 168 17.70 3.16 16.39
C ARG A 168 16.60 4.16 16.67
N VAL A 169 16.96 5.35 17.15
CA VAL A 169 15.92 6.35 17.44
C VAL A 169 15.13 6.68 16.16
N CYS A 170 15.83 6.81 15.03
CA CYS A 170 15.14 7.11 13.76
C CYS A 170 14.16 6.01 13.42
N GLU A 171 14.52 4.77 13.72
CA GLU A 171 13.63 3.65 13.45
C GLU A 171 12.32 3.90 14.16
N LYS A 172 12.39 4.27 15.43
CA LYS A 172 11.21 4.54 16.25
C LYS A 172 10.40 5.66 15.61
N MET A 173 11.11 6.71 15.21
CA MET A 173 10.44 7.85 14.60
C MET A 173 9.56 7.45 13.44
N ALA A 174 10.09 6.58 12.57
CA ALA A 174 9.36 6.17 11.39
C ALA A 174 8.48 4.94 11.53
N LEU A 175 8.88 3.98 12.34
CA LEU A 175 8.10 2.76 12.44
C LEU A 175 7.45 2.35 13.77
N TYR A 176 7.63 3.12 14.83
CA TYR A 176 7.04 2.73 16.11
C TYR A 176 5.53 2.62 16.09
N ASP A 177 4.84 3.62 15.56
CA ASP A 177 3.39 3.57 15.52
C ASP A 177 2.91 2.42 14.65
N VAL A 178 3.62 2.17 13.55
CA VAL A 178 3.26 1.10 12.63
C VAL A 178 3.40 -0.28 13.26
N VAL A 179 4.58 -0.59 13.81
CA VAL A 179 4.82 -1.89 14.40
C VAL A 179 4.01 -2.13 15.67
N SER A 180 3.33 -1.09 16.13
CA SER A 180 2.53 -1.21 17.33
C SER A 180 1.05 -1.34 17.04
N THR A 181 0.65 -1.01 15.81
CA THR A 181 -0.75 -1.09 15.44
C THR A 181 -1.04 -1.91 14.20
N LEU A 182 -0.09 -2.01 13.29
CA LEU A 182 -0.33 -2.77 12.07
C LEU A 182 -0.56 -4.27 12.27
N PRO A 183 0.32 -4.95 13.02
CA PRO A 183 0.17 -6.39 13.26
C PRO A 183 -1.25 -6.74 13.64
N GLN A 184 -1.78 -5.97 14.58
CA GLN A 184 -3.14 -6.16 15.07
C GLN A 184 -4.17 -5.96 13.97
N ALA A 185 -4.01 -4.87 13.23
CA ALA A 185 -4.93 -4.54 12.17
C ALA A 185 -4.92 -5.61 11.09
N VAL A 186 -3.77 -6.21 10.85
CA VAL A 186 -3.66 -7.22 9.81
C VAL A 186 -4.06 -8.63 10.24
N MET A 187 -3.70 -9.02 11.45
CA MET A 187 -3.99 -10.38 11.91
C MET A 187 -5.10 -10.53 12.93
N GLY A 188 -5.59 -9.41 13.45
CA GLY A 188 -6.66 -9.46 14.43
C GLY A 188 -6.35 -10.33 15.64
N SER A 189 -7.28 -11.23 15.97
CA SER A 189 -7.10 -12.09 17.13
C SER A 189 -5.96 -13.08 17.02
N SER A 190 -5.24 -13.09 15.90
CA SER A 190 -4.13 -14.00 15.75
C SER A 190 -2.85 -13.39 16.27
N TYR A 191 -2.83 -12.07 16.44
CA TYR A 191 -1.63 -11.40 16.93
C TYR A 191 -1.41 -11.69 18.40
N GLY A 192 -0.51 -12.61 18.69
CA GLY A 192 -0.26 -12.99 20.07
C GLY A 192 0.13 -11.93 21.10
N PHE A 193 0.76 -10.83 20.69
CA PHE A 193 1.19 -9.83 21.67
C PHE A 193 0.08 -8.94 22.23
N GLN A 194 -1.12 -9.07 21.70
CA GLN A 194 -2.25 -8.26 22.16
C GLN A 194 -2.79 -8.86 23.46
N TYR A 195 -2.42 -10.11 23.70
CA TYR A 195 -2.88 -10.84 24.87
C TYR A 195 -1.95 -10.83 26.07
N SER A 196 -2.56 -10.94 27.24
CA SER A 196 -1.85 -11.02 28.49
C SER A 196 -1.82 -12.54 28.65
N PRO A 197 -1.06 -13.07 29.62
CA PRO A 197 -1.07 -14.53 29.74
C PRO A 197 -2.46 -15.08 29.92
N LYS A 198 -3.30 -14.38 30.68
CA LYS A 198 -4.65 -14.88 30.89
C LYS A 198 -5.49 -14.80 29.62
N GLN A 199 -5.32 -13.74 28.84
CA GLN A 199 -6.08 -13.58 27.61
C GLN A 199 -5.64 -14.57 26.53
N ARG A 200 -4.34 -14.91 26.55
CA ARG A 200 -3.80 -15.87 25.61
C ARG A 200 -4.45 -17.23 25.87
N VAL A 201 -4.53 -17.59 27.14
CA VAL A 201 -5.12 -18.87 27.53
C VAL A 201 -6.59 -18.89 27.14
N GLU A 202 -7.22 -17.73 27.28
CA GLU A 202 -8.63 -17.58 26.94
C GLU A 202 -8.77 -17.80 25.45
N PHE A 203 -7.89 -17.19 24.68
CA PHE A 203 -7.93 -17.35 23.24
C PHE A 203 -7.63 -18.79 22.80
N LEU A 204 -6.68 -19.43 23.45
CA LEU A 204 -6.36 -20.81 23.09
C LEU A 204 -7.50 -21.76 23.46
N VAL A 205 -8.08 -21.58 24.65
CA VAL A 205 -9.16 -22.45 25.08
C VAL A 205 -10.43 -22.20 24.26
N ASN A 206 -10.77 -20.93 24.03
CA ASN A 206 -11.96 -20.64 23.24
C ASN A 206 -11.80 -21.26 21.85
N THR A 207 -10.68 -20.95 21.21
CA THR A 207 -10.38 -21.48 19.89
C THR A 207 -10.41 -23.01 19.88
N TRP A 208 -9.97 -23.62 20.97
CA TRP A 208 -9.93 -25.07 21.03
C TRP A 208 -11.32 -25.70 21.16
N LYS A 209 -12.15 -25.14 22.03
CA LYS A 209 -13.50 -25.66 22.22
C LYS A 209 -14.42 -25.40 21.01
N SER A 210 -14.14 -24.35 20.25
CA SER A 210 -14.96 -24.02 19.08
C SER A 210 -14.79 -25.01 17.91
N LYS A 211 -14.02 -26.07 18.14
CA LYS A 211 -13.79 -27.10 17.12
C LYS A 211 -14.61 -28.36 17.40
N LYS A 212 -15.06 -29.04 16.35
CA LYS A 212 -15.84 -30.27 16.54
C LYS A 212 -14.91 -31.31 17.15
N CYS A 213 -13.80 -31.55 16.45
CA CYS A 213 -12.79 -32.48 16.91
C CYS A 213 -11.46 -31.75 16.75
N PRO A 214 -11.09 -30.94 17.74
CA PRO A 214 -9.85 -30.17 17.72
C PRO A 214 -8.54 -30.95 17.51
N MET A 215 -7.61 -30.29 16.83
CA MET A 215 -6.29 -30.84 16.54
C MET A 215 -5.39 -29.62 16.41
N GLY A 216 -4.23 -29.66 17.05
CA GLY A 216 -3.34 -28.52 16.99
C GLY A 216 -1.89 -28.91 17.09
N PHE A 217 -1.02 -28.07 16.54
CA PHE A 217 0.41 -28.33 16.57
C PHE A 217 1.17 -27.03 16.70
N SER A 218 2.41 -27.13 17.15
CA SER A 218 3.29 -26.00 17.29
C SER A 218 4.29 -26.15 16.15
N TYR A 219 4.57 -25.07 15.42
CA TYR A 219 5.52 -25.19 14.33
C TYR A 219 6.79 -24.44 14.63
N ASP A 220 7.85 -25.18 14.90
CA ASP A 220 9.16 -24.59 15.18
C ASP A 220 9.93 -24.50 13.87
N THR A 221 10.30 -23.27 13.49
CA THR A 221 11.07 -23.02 12.28
C THR A 221 12.53 -22.99 12.67
N ARG A 222 13.37 -23.67 11.89
CA ARG A 222 14.81 -23.71 12.13
C ARG A 222 15.40 -22.30 11.94
N CYS A 223 15.93 -21.70 13.00
CA CYS A 223 16.52 -20.36 12.94
C CYS A 223 15.74 -19.42 12.02
N PHE A 224 14.51 -19.07 12.41
CA PHE A 224 13.64 -18.21 11.61
C PHE A 224 14.29 -16.99 10.95
N ASP A 225 15.01 -16.19 11.74
CA ASP A 225 15.66 -14.99 11.23
C ASP A 225 16.49 -15.22 9.97
N SER A 226 17.27 -16.28 9.95
CA SER A 226 18.10 -16.55 8.79
C SER A 226 17.31 -17.12 7.62
N THR A 227 16.08 -17.53 7.87
CA THR A 227 15.26 -18.04 6.78
C THR A 227 14.55 -16.87 6.10
N VAL A 228 14.47 -15.73 6.78
CA VAL A 228 13.83 -14.53 6.24
C VAL A 228 14.69 -14.05 5.09
N THR A 229 14.09 -13.93 3.90
CA THR A 229 14.79 -13.53 2.68
C THR A 229 14.61 -12.06 2.29
N GLU A 230 15.38 -11.62 1.29
CA GLU A 230 15.30 -10.25 0.83
C GLU A 230 13.91 -9.99 0.31
N SER A 231 13.31 -11.02 -0.26
CA SER A 231 11.96 -10.94 -0.81
C SER A 231 10.97 -10.74 0.33
N ASP A 232 11.12 -11.56 1.37
CA ASP A 232 10.25 -11.51 2.55
C ASP A 232 10.19 -10.13 3.18
N ILE A 233 11.36 -9.54 3.33
CA ILE A 233 11.48 -8.24 3.94
C ILE A 233 10.89 -7.15 3.04
N ARG A 234 10.90 -7.39 1.74
CA ARG A 234 10.34 -6.40 0.85
C ARG A 234 8.83 -6.57 0.80
N VAL A 235 8.36 -7.79 1.06
CA VAL A 235 6.93 -8.07 1.08
C VAL A 235 6.40 -7.47 2.37
N GLU A 236 7.23 -7.52 3.39
CA GLU A 236 6.93 -6.96 4.70
C GLU A 236 6.75 -5.44 4.54
N GLU A 237 7.69 -4.79 3.85
CA GLU A 237 7.60 -3.35 3.61
C GLU A 237 6.39 -2.99 2.76
N SER A 238 6.07 -3.84 1.78
CA SER A 238 4.93 -3.56 0.92
C SER A 238 3.69 -3.44 1.80
N ILE A 239 3.65 -4.21 2.89
CA ILE A 239 2.51 -4.14 3.80
C ILE A 239 2.53 -2.81 4.55
N TYR A 240 3.71 -2.39 5.00
CA TYR A 240 3.81 -1.12 5.72
C TYR A 240 3.46 0.04 4.81
N GLN A 241 3.86 -0.08 3.55
CA GLN A 241 3.60 0.99 2.59
C GLN A 241 2.10 1.18 2.31
N CYS A 242 1.27 0.27 2.81
CA CYS A 242 -0.17 0.39 2.59
C CYS A 242 -0.78 1.38 3.57
N CYS A 243 -0.02 1.69 4.63
CA CYS A 243 -0.47 2.63 5.63
C CYS A 243 -0.44 4.03 5.06
N ASP A 244 -1.23 4.91 5.67
CA ASP A 244 -1.21 6.30 5.29
C ASP A 244 -0.04 6.79 6.12
N LEU A 245 0.99 7.30 5.45
CA LEU A 245 2.20 7.76 6.15
C LEU A 245 2.63 9.15 5.70
N ALA A 246 3.41 9.80 6.53
CA ALA A 246 3.91 11.13 6.17
C ALA A 246 5.01 10.86 5.17
N PRO A 247 5.20 11.76 4.20
CA PRO A 247 6.24 11.58 3.19
C PRO A 247 7.57 11.16 3.80
N GLU A 248 7.98 11.86 4.85
CA GLU A 248 9.25 11.56 5.49
C GLU A 248 9.26 10.14 6.04
N ALA A 249 8.18 9.76 6.73
CA ALA A 249 8.09 8.42 7.30
C ALA A 249 8.14 7.38 6.20
N ARG A 250 7.47 7.67 5.09
CA ARG A 250 7.42 6.74 3.96
C ARG A 250 8.81 6.54 3.35
N GLN A 251 9.52 7.64 3.11
CA GLN A 251 10.85 7.56 2.54
C GLN A 251 11.75 6.79 3.52
N ALA A 252 11.66 7.13 4.80
CA ALA A 252 12.47 6.49 5.84
C ALA A 252 12.24 4.98 5.95
N ILE A 253 11.04 4.54 5.63
CA ILE A 253 10.71 3.12 5.68
C ILE A 253 11.33 2.39 4.46
N ARG A 254 11.31 3.09 3.33
CA ARG A 254 11.86 2.60 2.06
C ARG A 254 13.40 2.54 2.19
N SER A 255 14.00 3.59 2.75
CA SER A 255 15.45 3.66 2.92
C SER A 255 15.93 2.65 3.96
N LEU A 256 15.23 2.56 5.08
CA LEU A 256 15.61 1.61 6.12
C LEU A 256 15.50 0.19 5.57
N THR A 257 14.52 -0.06 4.72
CA THR A 257 14.33 -1.38 4.14
C THR A 257 15.52 -1.78 3.27
N GLU A 258 15.93 -0.87 2.38
CA GLU A 258 17.04 -1.11 1.46
C GLU A 258 18.42 -1.05 2.07
N ARG A 259 18.60 -0.16 3.06
CA ARG A 259 19.90 0.04 3.69
C ARG A 259 20.17 -0.73 4.97
N LEU A 260 19.11 -1.12 5.68
CA LEU A 260 19.29 -1.81 6.93
C LEU A 260 18.57 -3.15 7.09
N TYR A 261 17.29 -3.18 6.77
CA TYR A 261 16.53 -4.40 6.96
C TYR A 261 16.85 -5.59 6.05
N ILE A 262 17.01 -5.37 4.76
CA ILE A 262 17.31 -6.49 3.87
C ILE A 262 18.69 -7.05 4.17
N GLY A 263 19.52 -6.26 4.83
CA GLY A 263 20.86 -6.74 5.15
C GLY A 263 21.89 -5.63 5.11
N GLY A 264 23.15 -5.99 5.31
CA GLY A 264 24.21 -5.00 5.30
C GLY A 264 25.45 -5.53 5.97
N PRO A 265 26.53 -4.77 5.95
CA PRO A 265 27.81 -5.15 6.57
C PRO A 265 27.69 -5.45 8.05
N LEU A 266 28.58 -6.32 8.55
CA LEU A 266 28.60 -6.73 9.95
C LEU A 266 29.95 -6.42 10.57
N THR A 267 29.94 -5.72 11.71
CA THR A 267 31.18 -5.35 12.38
C THR A 267 31.23 -5.85 13.83
N ASN A 268 32.32 -6.49 14.22
CA ASN A 268 32.43 -6.96 15.59
C ASN A 268 32.75 -5.78 16.49
N SER A 269 32.95 -6.04 17.78
CA SER A 269 33.24 -4.99 18.73
C SER A 269 34.56 -4.28 18.50
N LYS A 270 35.49 -4.92 17.81
CA LYS A 270 36.80 -4.33 17.53
C LYS A 270 36.77 -3.48 16.26
N GLY A 271 35.58 -3.26 15.72
CA GLY A 271 35.47 -2.46 14.52
C GLY A 271 35.95 -3.16 13.27
N GLN A 272 36.10 -4.48 13.34
CA GLN A 272 36.55 -5.24 12.19
C GLN A 272 35.37 -5.76 11.38
N ASN A 273 35.53 -5.78 10.06
CA ASN A 273 34.49 -6.29 9.19
C ASN A 273 34.39 -7.79 9.41
N CYS A 274 33.21 -8.29 9.75
CA CYS A 274 32.99 -9.70 9.97
C CYS A 274 32.37 -10.42 8.80
N GLY A 275 31.49 -9.72 8.11
CA GLY A 275 30.80 -10.32 6.99
C GLY A 275 29.59 -9.55 6.53
N TYR A 276 28.63 -10.26 5.94
CA TYR A 276 27.44 -9.60 5.40
C TYR A 276 26.18 -10.37 5.72
N ARG A 277 25.13 -9.64 6.05
CA ARG A 277 23.85 -10.24 6.38
C ARG A 277 22.85 -10.08 5.24
N ARG A 278 22.25 -11.19 4.82
CA ARG A 278 21.24 -11.13 3.76
C ARG A 278 19.91 -11.73 4.26
N CYS A 279 19.69 -11.57 5.56
CA CYS A 279 18.49 -12.05 6.23
C CYS A 279 18.11 -11.08 7.37
N ARG A 280 17.18 -11.50 8.21
CA ARG A 280 16.71 -10.69 9.33
C ARG A 280 17.71 -10.44 10.44
N ALA A 281 17.80 -9.18 10.86
CA ALA A 281 18.68 -8.78 11.94
C ALA A 281 17.80 -8.95 13.18
N SER A 282 18.39 -9.26 14.32
CA SER A 282 17.61 -9.45 15.54
C SER A 282 17.42 -8.14 16.29
N GLY A 283 18.39 -7.23 16.19
CA GLY A 283 18.31 -5.98 16.92
C GLY A 283 17.68 -4.75 16.29
N VAL A 284 16.62 -4.92 15.50
CA VAL A 284 15.96 -3.78 14.90
C VAL A 284 14.47 -3.73 15.29
N LEU A 285 13.90 -2.53 15.20
CA LEU A 285 12.51 -2.30 15.56
C LEU A 285 11.50 -3.16 14.83
N THR A 286 11.76 -3.52 13.58
CA THR A 286 10.79 -4.33 12.85
C THR A 286 10.97 -5.83 12.98
N THR A 287 11.90 -6.27 13.82
CA THR A 287 12.11 -7.70 13.98
C THR A 287 10.86 -8.43 14.45
N SER A 288 10.31 -8.02 15.59
CA SER A 288 9.12 -8.69 16.09
C SER A 288 7.95 -8.55 15.14
N CYS A 289 7.69 -7.35 14.67
CA CYS A 289 6.56 -7.12 13.79
C CYS A 289 6.74 -7.87 12.46
N GLY A 290 7.96 -7.82 11.94
CA GLY A 290 8.23 -8.47 10.68
C GLY A 290 8.17 -9.99 10.72
N ASN A 291 8.67 -10.59 11.79
CA ASN A 291 8.65 -12.04 11.86
C ASN A 291 7.21 -12.53 12.05
N THR A 292 6.42 -11.78 12.84
CA THR A 292 5.03 -12.14 13.09
C THR A 292 4.27 -12.06 11.76
N LEU A 293 4.42 -10.96 11.06
CA LEU A 293 3.76 -10.81 9.77
C LEU A 293 4.22 -11.90 8.81
N THR A 294 5.52 -12.10 8.70
CA THR A 294 6.08 -13.09 7.79
C THR A 294 5.71 -14.54 8.12
N CYS A 295 5.61 -14.84 9.42
CA CYS A 295 5.27 -16.19 9.85
C CYS A 295 3.79 -16.47 9.62
N TYR A 296 2.96 -15.46 9.86
CA TYR A 296 1.52 -15.57 9.67
C TYR A 296 1.21 -15.72 8.18
N LEU A 297 1.87 -14.93 7.35
CA LEU A 297 1.64 -14.98 5.92
C LEU A 297 1.95 -16.38 5.38
N LYS A 298 3.13 -16.89 5.73
CA LYS A 298 3.55 -18.20 5.26
C LYS A 298 2.67 -19.32 5.77
N ALA A 299 2.40 -19.34 7.08
CA ALA A 299 1.56 -20.39 7.65
C ALA A 299 0.14 -20.35 7.08
N THR A 300 -0.49 -19.18 7.07
CA THR A 300 -1.86 -19.04 6.55
C THR A 300 -1.96 -19.55 5.11
N ALA A 301 -0.90 -19.35 4.33
CA ALA A 301 -0.89 -19.81 2.95
C ALA A 301 -0.60 -21.33 2.94
N ALA A 302 0.34 -21.75 3.77
CA ALA A 302 0.72 -23.14 3.87
C ALA A 302 -0.48 -23.98 4.24
N CYS A 303 -1.34 -23.44 5.11
CA CYS A 303 -2.53 -24.16 5.56
C CYS A 303 -3.52 -24.43 4.45
N ARG A 304 -3.65 -23.48 3.53
CA ARG A 304 -4.57 -23.64 2.42
C ARG A 304 -3.96 -24.68 1.51
N ALA A 305 -2.64 -24.60 1.32
CA ALA A 305 -1.96 -25.56 0.47
C ALA A 305 -2.07 -26.97 1.06
N ALA A 306 -1.87 -27.10 2.37
CA ALA A 306 -1.95 -28.39 3.04
C ALA A 306 -3.39 -28.88 3.21
N LYS A 307 -4.32 -28.06 2.76
CA LYS A 307 -5.73 -28.41 2.87
C LYS A 307 -6.10 -28.77 4.31
N LEU A 308 -5.57 -28.05 5.27
CA LEU A 308 -5.90 -28.27 6.69
C LEU A 308 -7.27 -27.63 6.83
N GLN A 309 -8.13 -28.16 7.68
CA GLN A 309 -9.47 -27.59 7.82
C GLN A 309 -9.65 -26.55 8.94
N ASP A 310 -10.28 -25.43 8.60
CA ASP A 310 -10.55 -24.32 9.52
C ASP A 310 -9.40 -23.97 10.50
N CYS A 311 -8.28 -23.50 9.96
CA CYS A 311 -7.10 -23.17 10.75
C CYS A 311 -7.19 -21.88 11.53
N THR A 312 -6.62 -21.88 12.73
CA THR A 312 -6.59 -20.68 13.53
C THR A 312 -5.18 -20.47 14.01
N MET A 313 -4.57 -19.40 13.52
CA MET A 313 -3.19 -19.07 13.84
C MET A 313 -3.05 -18.21 15.09
N LEU A 314 -1.99 -18.43 15.84
CA LEU A 314 -1.69 -17.61 17.01
C LEU A 314 -0.18 -17.34 16.85
N VAL A 315 0.16 -16.17 16.31
CA VAL A 315 1.56 -15.82 16.07
C VAL A 315 2.23 -14.83 17.00
N ASN A 316 3.44 -15.19 17.46
CA ASN A 316 4.24 -14.38 18.37
C ASN A 316 5.67 -14.25 17.81
N GLY A 317 5.83 -13.40 16.80
CA GLY A 317 7.13 -13.23 16.19
C GLY A 317 7.35 -14.44 15.32
N ASP A 318 8.33 -15.28 15.67
CA ASP A 318 8.61 -16.48 14.88
C ASP A 318 7.92 -17.69 15.49
N ASP A 319 7.15 -17.46 16.53
CA ASP A 319 6.45 -18.50 17.24
C ASP A 319 5.06 -18.76 16.69
N LEU A 320 4.80 -19.99 16.28
CA LEU A 320 3.50 -20.33 15.71
C LEU A 320 2.84 -21.54 16.33
N VAL A 321 1.53 -21.44 16.52
CA VAL A 321 0.70 -22.53 17.05
C VAL A 321 -0.57 -22.48 16.19
N VAL A 322 -0.96 -23.64 15.69
CA VAL A 322 -2.12 -23.73 14.81
C VAL A 322 -3.15 -24.67 15.40
N ILE A 323 -4.41 -24.25 15.40
CA ILE A 323 -5.50 -25.09 15.91
C ILE A 323 -6.51 -25.20 14.79
N CYS A 324 -6.87 -26.42 14.42
CA CYS A 324 -7.81 -26.64 13.33
C CYS A 324 -8.74 -27.83 13.54
N GLU A 325 -9.57 -28.08 12.53
CA GLU A 325 -10.53 -29.19 12.57
C GLU A 325 -9.86 -30.48 12.14
N SER A 326 -9.88 -31.47 13.03
CA SER A 326 -9.28 -32.75 12.73
C SER A 326 -10.09 -33.44 11.65
N ALA A 327 -9.40 -34.12 10.75
CA ALA A 327 -10.07 -34.85 9.68
C ALA A 327 -9.69 -36.30 9.87
N GLY A 328 -9.24 -36.62 11.08
CA GLY A 328 -8.85 -37.99 11.38
C GLY A 328 -7.36 -38.10 11.60
N THR A 329 -6.95 -39.11 12.36
CA THR A 329 -5.54 -39.32 12.68
C THR A 329 -4.58 -39.39 11.50
N GLN A 330 -4.88 -40.25 10.52
CA GLN A 330 -4.01 -40.38 9.35
C GLN A 330 -4.03 -39.09 8.54
N GLU A 331 -5.23 -38.69 8.15
CA GLU A 331 -5.41 -37.48 7.39
C GLU A 331 -4.67 -36.30 8.04
N ASP A 332 -4.82 -36.14 9.36
CA ASP A 332 -4.15 -35.07 10.08
C ASP A 332 -2.64 -35.17 9.91
N ALA A 333 -2.09 -36.35 10.15
CA ALA A 333 -0.65 -36.56 10.03
C ALA A 333 -0.15 -36.25 8.64
N ALA A 334 -0.99 -36.49 7.64
CA ALA A 334 -0.63 -36.23 6.26
C ALA A 334 -0.72 -34.73 5.95
N ALA A 335 -1.80 -34.10 6.40
CA ALA A 335 -1.99 -32.68 6.15
C ALA A 335 -0.86 -31.89 6.81
N LEU A 336 -0.39 -32.36 7.96
CA LEU A 336 0.70 -31.70 8.65
C LEU A 336 1.97 -31.76 7.82
N ARG A 337 2.30 -32.94 7.30
CA ARG A 337 3.49 -33.05 6.47
C ARG A 337 3.36 -32.19 5.22
N ALA A 338 2.15 -32.11 4.67
CA ALA A 338 1.93 -31.27 3.50
C ALA A 338 2.21 -29.82 3.91
N PHE A 339 1.77 -29.46 5.11
CA PHE A 339 1.97 -28.11 5.65
C PHE A 339 3.46 -27.78 5.77
N THR A 340 4.25 -28.71 6.29
CA THR A 340 5.69 -28.50 6.45
C THR A 340 6.38 -28.29 5.09
N GLU A 341 5.88 -28.96 4.06
CA GLU A 341 6.46 -28.84 2.73
C GLU A 341 6.11 -27.49 2.13
N ALA A 342 4.87 -27.05 2.36
CA ALA A 342 4.44 -25.76 1.86
C ALA A 342 5.32 -24.71 2.55
N MET A 343 5.54 -24.91 3.84
CA MET A 343 6.38 -24.01 4.61
C MET A 343 7.83 -24.04 4.17
N THR A 344 8.32 -25.21 3.79
CA THR A 344 9.70 -25.32 3.35
C THR A 344 9.90 -24.59 2.02
N ARG A 345 8.90 -24.68 1.14
CA ARG A 345 8.97 -24.01 -0.13
C ARG A 345 8.99 -22.50 0.10
N TYR A 346 8.22 -22.06 1.10
CA TYR A 346 8.13 -20.66 1.48
C TYR A 346 9.38 -20.23 2.23
N SER A 347 10.30 -21.16 2.38
CA SER A 347 11.57 -20.90 3.07
C SER A 347 11.44 -20.85 4.58
N ALA A 348 10.69 -21.78 5.14
CA ALA A 348 10.50 -21.85 6.58
C ALA A 348 10.59 -23.30 6.99
N PRO A 349 11.74 -23.95 6.72
CA PRO A 349 11.92 -25.35 7.08
C PRO A 349 11.77 -25.51 8.59
N PRO A 350 11.37 -26.70 9.04
CA PRO A 350 11.19 -26.98 10.46
C PRO A 350 12.47 -27.35 11.19
N GLY A 351 12.48 -27.09 12.49
CA GLY A 351 13.62 -27.45 13.30
C GLY A 351 13.36 -28.90 13.64
N ASP A 352 12.33 -29.14 14.45
CA ASP A 352 11.94 -30.50 14.82
C ASP A 352 10.65 -30.67 14.03
N PRO A 353 10.42 -31.85 13.46
CA PRO A 353 9.16 -32.01 12.71
C PRO A 353 7.99 -31.80 13.64
N PRO A 354 6.95 -31.11 13.17
CA PRO A 354 5.75 -30.85 13.98
C PRO A 354 4.96 -32.14 14.23
N GLN A 355 4.26 -32.18 15.37
CA GLN A 355 3.47 -33.35 15.72
C GLN A 355 2.04 -32.97 16.06
N PRO A 356 1.06 -33.67 15.46
CA PRO A 356 -0.34 -33.35 15.78
C PRO A 356 -0.62 -33.65 17.24
N GLU A 357 -1.27 -32.71 17.92
CA GLU A 357 -1.62 -32.87 19.32
C GLU A 357 -3.14 -32.83 19.46
N TYR A 358 -3.67 -33.75 20.26
CA TYR A 358 -5.11 -33.81 20.44
C TYR A 358 -5.47 -33.40 21.87
N ASP A 359 -4.44 -33.00 22.60
CA ASP A 359 -4.54 -32.56 23.99
C ASP A 359 -3.88 -31.18 24.08
N LEU A 360 -4.68 -30.14 24.31
CA LEU A 360 -4.18 -28.78 24.42
C LEU A 360 -3.02 -28.58 25.41
N GLU A 361 -3.04 -29.27 26.55
CA GLU A 361 -1.97 -29.11 27.55
C GLU A 361 -0.64 -29.58 26.99
N LEU A 362 -0.68 -30.43 25.98
CA LEU A 362 0.53 -30.96 25.38
C LEU A 362 1.11 -30.05 24.33
N ILE A 363 0.32 -29.07 23.87
CA ILE A 363 0.80 -28.15 22.85
C ILE A 363 1.62 -27.05 23.50
N THR A 364 2.85 -26.89 23.04
CA THR A 364 3.75 -25.86 23.57
C THR A 364 4.00 -24.77 22.55
N SER A 365 3.53 -23.56 22.87
CA SER A 365 3.71 -22.41 22.01
C SER A 365 4.25 -21.27 22.88
N CYS A 366 5.11 -20.44 22.30
CA CYS A 366 5.72 -19.34 23.03
C CYS A 366 6.41 -19.90 24.29
N SER A 367 7.05 -21.05 24.13
CA SER A 367 7.77 -21.71 25.21
C SER A 367 6.87 -21.94 26.44
N SER A 368 5.58 -22.13 26.20
CA SER A 368 4.63 -22.35 27.29
C SER A 368 3.37 -23.10 26.84
N ASN A 369 2.61 -23.60 27.81
CA ASN A 369 1.40 -24.34 27.52
C ASN A 369 0.26 -23.96 28.46
N VAL A 370 -0.94 -24.40 28.10
CA VAL A 370 -2.12 -24.11 28.90
C VAL A 370 -2.36 -25.28 29.83
N SER A 371 -2.67 -24.98 31.09
CA SER A 371 -2.93 -26.02 32.07
C SER A 371 -4.06 -25.56 32.97
N VAL A 372 -4.60 -26.50 33.74
CA VAL A 372 -5.71 -26.22 34.65
C VAL A 372 -5.49 -26.71 36.09
N ALA A 373 -6.00 -25.92 37.03
CA ALA A 373 -5.93 -26.20 38.46
C ALA A 373 -7.28 -25.77 39.03
N HIS A 374 -7.36 -25.60 40.35
CA HIS A 374 -8.62 -25.21 40.95
C HIS A 374 -8.49 -24.07 41.96
N ASP A 375 -9.55 -23.25 42.03
CA ASP A 375 -9.59 -22.11 42.94
C ASP A 375 -10.22 -22.56 44.26
N ALA A 376 -10.34 -21.61 45.19
CA ALA A 376 -10.93 -21.89 46.51
C ALA A 376 -12.24 -22.67 46.40
N SER A 377 -13.10 -22.24 45.47
CA SER A 377 -14.40 -22.88 45.25
C SER A 377 -14.22 -24.31 44.79
N GLY A 378 -13.17 -24.56 44.02
CA GLY A 378 -12.94 -25.90 43.52
C GLY A 378 -13.24 -25.94 42.03
N LYS A 379 -13.56 -24.78 41.46
CA LYS A 379 -13.85 -24.74 40.03
C LYS A 379 -12.52 -24.66 39.30
N ARG A 380 -12.48 -25.29 38.14
CA ARG A 380 -11.27 -25.30 37.36
C ARG A 380 -10.93 -23.92 36.86
N VAL A 381 -9.64 -23.64 36.82
CA VAL A 381 -9.15 -22.37 36.33
C VAL A 381 -8.01 -22.70 35.41
N TYR A 382 -8.03 -22.13 34.21
CA TYR A 382 -6.98 -22.34 33.24
C TYR A 382 -5.94 -21.25 33.41
N TYR A 383 -4.67 -21.59 33.21
CA TYR A 383 -3.62 -20.60 33.35
C TYR A 383 -2.49 -20.98 32.40
N LEU A 384 -1.57 -20.05 32.19
CA LEU A 384 -0.45 -20.31 31.31
C LEU A 384 0.77 -20.67 32.17
N THR A 385 1.43 -21.76 31.83
CA THR A 385 2.60 -22.22 32.55
C THR A 385 3.69 -22.58 31.53
N ARG A 386 4.84 -23.03 32.03
CA ARG A 386 5.95 -23.44 31.18
C ARG A 386 6.95 -24.21 32.03
N ASP A 387 7.85 -24.94 31.37
CA ASP A 387 8.87 -25.70 32.07
C ASP A 387 9.67 -24.65 32.84
N PRO A 388 9.83 -24.84 34.15
CA PRO A 388 10.58 -23.87 34.95
C PRO A 388 12.10 -23.91 34.91
N THR A 389 12.66 -24.86 34.17
CA THR A 389 14.11 -24.99 34.13
C THR A 389 14.88 -23.71 33.82
N THR A 390 14.61 -23.06 32.70
CA THR A 390 15.35 -21.85 32.38
C THR A 390 15.00 -20.70 33.37
N PRO A 391 13.71 -20.48 33.65
CA PRO A 391 13.36 -19.41 34.58
C PRO A 391 14.12 -19.56 35.89
N LEU A 392 14.21 -20.79 36.39
CA LEU A 392 14.91 -21.05 37.65
C LEU A 392 16.42 -20.87 37.53
N ALA A 393 16.99 -21.45 36.47
CA ALA A 393 18.42 -21.37 36.19
C ALA A 393 18.82 -19.91 36.19
N ARG A 394 18.02 -19.08 35.53
CA ARG A 394 18.29 -17.67 35.44
C ARG A 394 18.09 -16.98 36.79
N ALA A 395 17.02 -17.35 37.49
CA ALA A 395 16.74 -16.80 38.80
C ALA A 395 17.99 -16.93 39.70
N ALA A 396 18.67 -18.06 39.59
CA ALA A 396 19.89 -18.32 40.37
C ALA A 396 21.03 -17.40 39.91
N TRP A 397 21.14 -17.23 38.60
CA TRP A 397 22.16 -16.39 38.05
C TRP A 397 21.92 -14.95 38.45
N GLU A 398 20.65 -14.55 38.46
CA GLU A 398 20.28 -13.20 38.81
C GLU A 398 20.39 -12.94 40.30
N THR A 399 20.68 -13.99 41.06
CA THR A 399 20.83 -13.88 42.51
C THR A 399 22.31 -13.71 42.84
N ALA A 400 23.16 -14.47 42.15
CA ALA A 400 24.60 -14.41 42.35
C ALA A 400 25.24 -13.14 41.76
N ARG A 401 24.64 -12.59 40.72
CA ARG A 401 25.16 -11.37 40.09
C ARG A 401 24.06 -10.35 39.80
N HIS A 402 24.43 -9.07 39.84
CA HIS A 402 23.48 -8.00 39.54
C HIS A 402 23.26 -8.04 38.04
N THR A 403 22.03 -7.80 37.60
CA THR A 403 21.72 -7.85 36.17
C THR A 403 20.77 -6.76 35.70
N PRO A 404 21.03 -6.20 34.51
CA PRO A 404 20.18 -5.14 33.96
C PRO A 404 18.70 -5.51 34.12
N ILE A 405 18.27 -6.55 33.41
CA ILE A 405 16.89 -6.99 33.48
C ILE A 405 16.74 -8.12 34.51
N ASN A 406 15.54 -8.24 35.07
CA ASN A 406 15.25 -9.25 36.07
C ASN A 406 14.25 -10.25 35.53
N SER A 407 14.73 -11.31 34.91
CA SER A 407 13.83 -12.31 34.38
C SER A 407 12.97 -12.88 35.51
N TRP A 408 13.54 -12.98 36.71
CA TRP A 408 12.80 -13.53 37.82
C TRP A 408 11.53 -12.72 38.10
N LEU A 409 11.65 -11.40 38.01
CA LEU A 409 10.48 -10.54 38.24
C LEU A 409 9.51 -10.67 37.08
N GLY A 410 10.03 -10.66 35.86
CA GLY A 410 9.16 -10.79 34.71
C GLY A 410 8.45 -12.12 34.76
N ASN A 411 9.08 -13.12 35.36
CA ASN A 411 8.44 -14.42 35.44
C ASN A 411 7.39 -14.52 36.53
N ILE A 412 7.60 -13.81 37.63
CA ILE A 412 6.61 -13.84 38.70
C ILE A 412 5.32 -13.19 38.18
N ILE A 413 5.47 -12.19 37.32
CA ILE A 413 4.33 -11.48 36.76
C ILE A 413 3.59 -12.30 35.71
N MET A 414 4.32 -12.83 34.74
CA MET A 414 3.69 -13.61 33.68
C MET A 414 3.23 -14.99 34.13
N TYR A 415 3.87 -15.53 35.17
CA TYR A 415 3.54 -16.86 35.65
C TYR A 415 3.11 -16.93 37.12
N ALA A 416 2.46 -15.87 37.59
CA ALA A 416 1.99 -15.81 38.98
C ALA A 416 1.11 -16.99 39.42
N PRO A 417 0.22 -17.45 38.53
CA PRO A 417 -0.66 -18.57 38.88
C PRO A 417 0.04 -19.92 39.03
N THR A 418 1.17 -20.08 38.36
CA THR A 418 1.91 -21.36 38.35
C THR A 418 2.41 -21.83 39.71
N LEU A 419 2.42 -23.15 39.89
CA LEU A 419 2.88 -23.77 41.11
C LEU A 419 4.32 -23.36 41.43
N TRP A 420 5.22 -23.57 40.48
CA TRP A 420 6.63 -23.24 40.63
C TRP A 420 6.95 -21.75 40.84
N ALA A 421 6.13 -20.86 40.28
CA ALA A 421 6.40 -19.44 40.43
C ALA A 421 6.04 -18.95 41.83
N ARG A 422 4.95 -19.48 42.37
CA ARG A 422 4.51 -19.09 43.70
C ARG A 422 5.30 -19.76 44.82
N MET A 423 5.71 -21.00 44.61
CA MET A 423 6.46 -21.73 45.64
C MET A 423 7.95 -21.44 45.69
N ILE A 424 8.56 -21.31 44.52
CA ILE A 424 9.99 -21.08 44.44
C ILE A 424 10.39 -19.61 44.30
N LEU A 425 10.03 -18.98 43.19
CA LEU A 425 10.40 -17.59 42.94
C LEU A 425 9.94 -16.53 43.95
N MET A 426 8.65 -16.52 44.30
CA MET A 426 8.14 -15.54 45.24
C MET A 426 8.81 -15.65 46.61
N THR A 427 8.88 -16.88 47.11
CA THR A 427 9.48 -17.18 48.41
C THR A 427 10.94 -16.73 48.40
N HIS A 428 11.74 -17.36 47.54
CA HIS A 428 13.16 -17.05 47.42
C HIS A 428 13.47 -15.56 47.29
N PHE A 429 12.81 -14.88 46.37
CA PHE A 429 13.08 -13.47 46.16
C PHE A 429 12.55 -12.48 47.19
N PHE A 430 11.41 -12.78 47.80
CA PHE A 430 10.90 -11.86 48.82
C PHE A 430 11.74 -11.96 50.08
N SER A 431 12.18 -13.18 50.37
CA SER A 431 13.01 -13.44 51.52
C SER A 431 14.32 -12.67 51.39
N ILE A 432 14.85 -12.61 50.17
CA ILE A 432 16.10 -11.92 49.89
C ILE A 432 15.91 -10.40 49.96
N LEU A 433 14.79 -9.92 49.43
CA LEU A 433 14.50 -8.50 49.43
C LEU A 433 14.39 -7.96 50.85
N LEU A 434 13.83 -8.76 51.75
CA LEU A 434 13.70 -8.36 53.15
C LEU A 434 15.09 -8.28 53.78
N ALA A 435 15.86 -9.34 53.58
CA ALA A 435 17.22 -9.39 54.12
C ALA A 435 18.04 -8.17 53.71
N GLN A 436 17.70 -7.56 52.58
CA GLN A 436 18.42 -6.39 52.11
C GLN A 436 17.63 -5.11 52.25
N GLU A 437 16.45 -5.23 52.85
CA GLU A 437 15.61 -4.07 53.04
C GLU A 437 15.46 -3.36 51.70
N GLN A 438 14.87 -4.06 50.73
CA GLN A 438 14.69 -3.47 49.41
C GLN A 438 13.41 -3.91 48.74
N LEU A 439 12.30 -3.71 49.44
CA LEU A 439 11.01 -4.07 48.92
C LEU A 439 10.43 -2.98 48.02
N GLU A 440 10.70 -1.73 48.37
CA GLU A 440 10.18 -0.61 47.61
C GLU A 440 11.06 -0.16 46.45
N LYS A 441 12.17 -0.86 46.22
CA LYS A 441 13.08 -0.49 45.15
C LYS A 441 12.59 -0.99 43.79
N ALA A 442 12.32 -0.05 42.89
CA ALA A 442 11.83 -0.37 41.55
C ALA A 442 12.84 -1.22 40.80
N LEU A 443 12.34 -2.20 40.06
CA LEU A 443 13.21 -3.06 39.28
C LEU A 443 12.77 -3.09 37.83
N ASP A 444 13.75 -3.18 36.92
CA ASP A 444 13.45 -3.23 35.51
C ASP A 444 13.34 -4.67 35.06
N CYS A 445 12.31 -4.96 34.26
CA CYS A 445 12.11 -6.30 33.73
C CYS A 445 11.40 -6.17 32.38
N GLN A 446 11.41 -7.24 31.59
CA GLN A 446 10.79 -7.19 30.27
C GLN A 446 9.55 -8.04 30.06
N ILE A 447 8.55 -7.47 29.40
CA ILE A 447 7.33 -8.17 29.05
C ILE A 447 7.21 -7.99 27.53
N TYR A 448 7.25 -9.11 26.82
CA TYR A 448 7.19 -9.13 25.35
C TYR A 448 8.30 -8.27 24.74
N GLY A 449 9.50 -8.36 25.33
CA GLY A 449 10.63 -7.62 24.82
C GLY A 449 10.82 -6.21 25.32
N ALA A 450 9.74 -5.55 25.77
CA ALA A 450 9.84 -4.16 26.25
C ALA A 450 10.10 -4.08 27.75
N CYS A 451 10.92 -3.12 28.16
CA CYS A 451 11.27 -2.92 29.57
C CYS A 451 10.30 -2.03 30.33
N TYR A 452 10.15 -2.33 31.62
CA TYR A 452 9.29 -1.58 32.53
C TYR A 452 10.00 -1.57 33.87
N SER A 453 9.76 -0.55 34.69
CA SER A 453 10.34 -0.50 36.02
C SER A 453 9.14 -0.87 36.87
N ILE A 454 9.30 -1.85 37.75
CA ILE A 454 8.20 -2.29 38.60
C ILE A 454 8.62 -2.38 40.07
N GLU A 455 7.74 -1.91 40.95
CA GLU A 455 8.01 -1.97 42.37
C GLU A 455 7.49 -3.30 42.86
N PRO A 456 8.34 -4.08 43.52
CA PRO A 456 7.99 -5.40 44.05
C PRO A 456 6.70 -5.42 44.89
N LEU A 457 6.48 -4.36 45.67
CA LEU A 457 5.32 -4.29 46.54
C LEU A 457 3.97 -4.13 45.82
N ASP A 458 4.02 -3.90 44.52
CA ASP A 458 2.79 -3.74 43.73
C ASP A 458 2.41 -5.08 43.09
N LEU A 459 3.18 -6.12 43.37
CA LEU A 459 2.91 -7.42 42.79
C LEU A 459 1.52 -7.98 43.10
N PRO A 460 0.98 -7.70 44.30
CA PRO A 460 -0.35 -8.25 44.56
C PRO A 460 -1.40 -7.64 43.62
N GLN A 461 -1.34 -6.31 43.44
CA GLN A 461 -2.29 -5.62 42.57
C GLN A 461 -2.15 -6.12 41.13
N ILE A 462 -0.91 -6.08 40.65
CA ILE A 462 -0.59 -6.52 39.29
C ILE A 462 -1.17 -7.89 39.01
N ILE A 463 -0.80 -8.87 39.83
CA ILE A 463 -1.27 -10.23 39.71
C ILE A 463 -2.79 -10.34 39.69
N GLU A 464 -3.46 -9.66 40.62
CA GLU A 464 -4.91 -9.71 40.65
C GLU A 464 -5.49 -9.13 39.37
N ARG A 465 -4.87 -8.05 38.90
CA ARG A 465 -5.32 -7.40 37.68
C ARG A 465 -5.15 -8.28 36.44
N LEU A 466 -3.94 -8.79 36.22
CA LEU A 466 -3.70 -9.64 35.04
C LEU A 466 -4.25 -11.05 35.19
N HIS A 467 -4.22 -11.59 36.40
CA HIS A 467 -4.64 -12.98 36.61
C HIS A 467 -5.91 -13.24 37.42
N GLY A 468 -6.30 -12.28 38.25
CA GLY A 468 -7.47 -12.47 39.08
C GLY A 468 -7.08 -13.05 40.44
N LEU A 469 -7.96 -12.94 41.43
CA LEU A 469 -7.66 -13.46 42.76
C LEU A 469 -7.38 -14.96 42.84
N SER A 470 -7.84 -15.73 41.85
CA SER A 470 -7.62 -17.16 41.86
C SER A 470 -6.14 -17.48 41.87
N ALA A 471 -5.34 -16.59 41.28
CA ALA A 471 -3.89 -16.77 41.21
C ALA A 471 -3.28 -16.96 42.59
N PHE A 472 -3.98 -16.47 43.60
CA PHE A 472 -3.52 -16.58 44.98
C PHE A 472 -4.08 -17.80 45.68
N THR A 473 -5.02 -18.51 45.06
CA THR A 473 -5.63 -19.67 45.70
C THR A 473 -5.58 -20.97 44.92
N LEU A 474 -5.04 -20.93 43.71
CA LEU A 474 -4.99 -22.15 42.91
C LEU A 474 -4.31 -23.31 43.64
N HIS A 475 -4.86 -24.50 43.46
CA HIS A 475 -4.35 -25.70 44.10
C HIS A 475 -4.81 -26.89 43.26
N SER A 476 -4.38 -28.08 43.65
CA SER A 476 -4.74 -29.27 42.90
C SER A 476 -4.32 -29.12 41.44
N TYR A 477 -3.03 -28.90 41.21
CA TYR A 477 -2.56 -28.76 39.84
C TYR A 477 -2.68 -30.11 39.15
N SER A 478 -2.41 -30.14 37.84
CA SER A 478 -2.53 -31.39 37.10
C SER A 478 -1.37 -32.34 37.29
N PRO A 479 -1.65 -33.65 37.15
CA PRO A 479 -0.61 -34.68 37.30
C PRO A 479 0.59 -34.33 36.41
N GLY A 480 0.29 -33.95 35.17
CA GLY A 480 1.34 -33.60 34.24
C GLY A 480 2.15 -32.39 34.66
N GLU A 481 1.49 -31.37 35.16
CA GLU A 481 2.21 -30.17 35.59
C GLU A 481 3.03 -30.49 36.82
N ILE A 482 2.42 -31.20 37.78
CA ILE A 482 3.11 -31.56 39.01
C ILE A 482 4.35 -32.39 38.70
N ASN A 483 4.20 -33.38 37.83
CA ASN A 483 5.35 -34.21 37.47
C ASN A 483 6.49 -33.36 36.93
N ARG A 484 6.19 -32.51 35.94
CA ARG A 484 7.21 -31.67 35.34
C ARG A 484 7.92 -30.79 36.35
N VAL A 485 7.16 -30.08 37.17
CA VAL A 485 7.80 -29.21 38.15
C VAL A 485 8.70 -30.02 39.09
N ALA A 486 8.20 -31.18 39.52
CA ALA A 486 8.93 -32.05 40.42
C ALA A 486 10.23 -32.54 39.78
N SER A 487 10.13 -33.12 38.59
CA SER A 487 11.29 -33.61 37.86
C SER A 487 12.33 -32.50 37.74
N CYS A 488 11.85 -31.33 37.33
CA CYS A 488 12.70 -30.17 37.15
C CYS A 488 13.39 -29.72 38.42
N LEU A 489 12.61 -29.59 39.49
CA LEU A 489 13.17 -29.13 40.75
C LEU A 489 14.21 -30.12 41.31
N ARG A 490 13.98 -31.41 41.06
CA ARG A 490 14.91 -32.43 41.52
C ARG A 490 16.18 -32.36 40.71
N LYS A 491 16.02 -32.21 39.40
CA LYS A 491 17.15 -32.10 38.48
C LYS A 491 18.11 -30.98 38.85
N LEU A 492 17.58 -29.80 39.14
CA LEU A 492 18.42 -28.67 39.50
C LEU A 492 18.85 -28.68 40.95
N GLY A 493 18.37 -29.65 41.71
CA GLY A 493 18.72 -29.73 43.12
C GLY A 493 18.08 -28.62 43.93
N VAL A 494 16.77 -28.47 43.77
CA VAL A 494 16.01 -27.45 44.48
C VAL A 494 15.40 -28.05 45.76
N PRO A 495 15.51 -27.32 46.90
CA PRO A 495 14.96 -27.78 48.18
C PRO A 495 13.56 -28.40 48.04
N PRO A 496 13.28 -29.47 48.82
CA PRO A 496 11.96 -30.11 48.76
C PRO A 496 10.80 -29.19 49.18
N LEU A 497 9.58 -29.61 48.85
CA LEU A 497 8.36 -28.88 49.17
C LEU A 497 8.37 -28.34 50.61
N ARG A 498 8.57 -29.26 51.55
CA ARG A 498 8.62 -28.92 52.95
C ARG A 498 9.57 -27.77 53.29
N THR A 499 10.73 -27.73 52.65
CA THR A 499 11.70 -26.67 52.91
C THR A 499 11.21 -25.31 52.46
N TRP A 500 10.42 -25.28 51.39
CA TRP A 500 9.90 -24.03 50.87
C TRP A 500 8.72 -23.51 51.69
N ARG A 501 7.83 -24.43 52.08
CA ARG A 501 6.66 -24.06 52.89
C ARG A 501 7.14 -23.39 54.18
N HIS A 502 8.18 -23.95 54.79
CA HIS A 502 8.74 -23.40 56.00
C HIS A 502 9.31 -22.00 55.75
N ARG A 503 10.05 -21.84 54.65
CA ARG A 503 10.65 -20.57 54.30
C ARG A 503 9.57 -19.54 53.97
N ALA A 504 8.45 -20.04 53.44
CA ALA A 504 7.33 -19.17 53.08
C ALA A 504 6.59 -18.68 54.32
N ARG A 505 6.34 -19.61 55.26
CA ARG A 505 5.63 -19.26 56.49
C ARG A 505 6.42 -18.18 57.21
N SER A 506 7.75 -18.28 57.14
CA SER A 506 8.62 -17.31 57.78
C SER A 506 8.64 -15.97 57.07
N VAL A 507 8.65 -15.99 55.75
CA VAL A 507 8.68 -14.74 55.00
C VAL A 507 7.34 -14.02 55.10
N ARG A 508 6.27 -14.80 55.13
CA ARG A 508 4.93 -14.24 55.23
C ARG A 508 4.78 -13.51 56.55
N ALA A 509 5.15 -14.20 57.63
CA ALA A 509 5.09 -13.63 58.96
C ALA A 509 5.89 -12.33 59.02
N LYS A 510 7.14 -12.39 58.56
CA LYS A 510 8.02 -11.22 58.56
C LYS A 510 7.41 -10.05 57.80
N LEU A 511 6.68 -10.35 56.73
CA LEU A 511 6.07 -9.31 55.91
C LEU A 511 4.86 -8.67 56.58
N LEU A 512 3.96 -9.49 57.08
CA LEU A 512 2.75 -9.00 57.75
C LEU A 512 3.11 -8.03 58.86
N SER A 513 4.13 -8.36 59.64
CA SER A 513 4.58 -7.52 60.75
C SER A 513 5.30 -6.27 60.22
N GLN A 514 4.75 -5.70 59.16
CA GLN A 514 5.30 -4.49 58.56
C GLN A 514 4.15 -3.65 58.01
N GLY A 515 3.00 -4.29 57.87
CA GLY A 515 1.83 -3.60 57.35
C GLY A 515 2.13 -3.01 55.99
N GLY A 516 1.45 -1.91 55.66
CA GLY A 516 1.66 -1.27 54.37
C GLY A 516 1.54 -2.25 53.22
N ARG A 517 2.06 -1.88 52.06
CA ARG A 517 1.99 -2.74 50.90
C ARG A 517 2.71 -4.07 51.18
N ALA A 518 3.71 -4.04 52.05
CA ALA A 518 4.46 -5.25 52.38
C ALA A 518 3.58 -6.29 53.08
N ALA A 519 2.51 -5.84 53.71
CA ALA A 519 1.60 -6.77 54.40
C ALA A 519 0.69 -7.43 53.38
N THR A 520 0.23 -6.64 52.42
CA THR A 520 -0.65 -7.15 51.37
C THR A 520 0.06 -8.27 50.60
N CYS A 521 1.38 -8.14 50.47
CA CYS A 521 2.18 -9.13 49.78
C CYS A 521 2.12 -10.43 50.58
N GLY A 522 2.32 -10.30 51.90
CA GLY A 522 2.29 -11.45 52.76
C GLY A 522 0.97 -12.21 52.75
N ARG A 523 -0.15 -11.50 52.80
CA ARG A 523 -1.47 -12.14 52.81
C ARG A 523 -1.85 -12.83 51.52
N TYR A 524 -1.71 -12.11 50.41
CA TYR A 524 -2.09 -12.66 49.11
C TYR A 524 -1.12 -13.66 48.51
N LEU A 525 0.14 -13.27 48.38
CA LEU A 525 1.15 -14.14 47.78
C LEU A 525 1.42 -15.46 48.50
N PHE A 526 1.65 -15.40 49.79
CA PHE A 526 1.98 -16.61 50.53
C PHE A 526 0.83 -17.28 51.27
N ASN A 527 -0.38 -17.04 50.82
CA ASN A 527 -1.56 -17.62 51.47
C ASN A 527 -1.57 -19.15 51.41
N TRP A 528 -0.69 -19.73 50.61
CA TRP A 528 -0.64 -21.17 50.47
C TRP A 528 0.10 -21.85 51.61
N ALA A 529 1.00 -21.12 52.25
CA ALA A 529 1.81 -21.67 53.34
C ALA A 529 0.98 -22.10 54.57
N VAL A 530 0.19 -21.15 55.09
CA VAL A 530 -0.64 -21.34 56.27
C VAL A 530 -1.83 -22.30 56.11
N ARG A 531 -2.17 -23.00 57.20
CA ARG A 531 -3.31 -23.92 57.23
C ARG A 531 -4.57 -23.07 57.32
N THR A 532 -4.44 -21.96 58.04
CA THR A 532 -5.53 -21.00 58.22
C THR A 532 -5.58 -20.05 57.05
N LYS A 533 -6.20 -20.51 55.97
CA LYS A 533 -6.36 -19.72 54.76
C LYS A 533 -7.03 -18.39 55.11
N LEU A 534 -7.00 -17.44 54.18
CA LEU A 534 -7.64 -16.14 54.40
C LEU A 534 -8.56 -15.80 53.25
N LYS A 535 -9.70 -15.20 53.58
CA LYS A 535 -10.69 -14.81 52.59
C LYS A 535 -10.12 -13.63 51.82
N LEU A 536 -9.37 -13.94 50.76
CA LEU A 536 -8.75 -12.93 49.93
C LEU A 536 -9.79 -12.17 49.11
N THR A 537 -9.94 -10.89 49.41
CA THR A 537 -10.90 -10.06 48.71
C THR A 537 -10.21 -9.15 47.71
N PRO A 538 -10.96 -8.58 46.76
CA PRO A 538 -10.37 -7.69 45.77
C PRO A 538 -9.50 -6.63 46.43
N ILE A 539 -8.44 -6.24 45.75
CA ILE A 539 -7.53 -5.22 46.25
C ILE A 539 -7.84 -3.89 45.60
N PRO A 540 -7.95 -2.83 46.40
CA PRO A 540 -8.25 -1.47 45.92
C PRO A 540 -7.38 -1.03 44.74
N ALA A 541 -6.08 -0.89 44.98
CA ALA A 541 -5.15 -0.45 43.95
C ALA A 541 -5.24 -1.28 42.66
N ALA A 542 -5.72 -2.51 42.77
CA ALA A 542 -5.81 -3.38 41.62
C ALA A 542 -6.76 -2.89 40.53
N SER A 543 -7.89 -2.31 40.93
CA SER A 543 -8.87 -1.80 39.96
C SER A 543 -8.37 -0.47 39.40
N GLN A 544 -7.65 0.27 40.21
CA GLN A 544 -7.10 1.56 39.82
C GLN A 544 -5.77 1.33 39.06
N LEU A 545 -5.80 0.40 38.11
CA LEU A 545 -4.61 0.07 37.31
C LEU A 545 -4.85 0.08 35.80
N ASP A 546 -3.80 0.45 35.08
CA ASP A 546 -3.82 0.49 33.61
C ASP A 546 -2.62 -0.26 33.05
N LEU A 547 -2.76 -1.57 32.91
CA LEU A 547 -1.69 -2.39 32.37
C LEU A 547 -1.94 -2.67 30.88
N SER A 548 -2.35 -1.63 30.16
CA SER A 548 -2.64 -1.77 28.73
C SER A 548 -1.39 -1.88 27.88
N GLY A 549 -0.54 -0.86 27.96
CA GLY A 549 0.69 -0.85 27.18
C GLY A 549 1.47 -2.14 27.31
N TRP A 550 1.25 -2.85 28.41
CA TRP A 550 1.94 -4.11 28.67
C TRP A 550 1.72 -5.16 27.60
N PHE A 551 0.49 -5.24 27.10
CA PHE A 551 0.15 -6.24 26.09
C PHE A 551 -0.47 -5.67 24.83
N VAL A 552 0.33 -4.93 24.07
CA VAL A 552 -0.11 -4.31 22.83
C VAL A 552 0.59 -4.93 21.61
N ALA A 553 1.92 -4.94 21.64
CA ALA A 553 2.72 -5.50 20.55
C ALA A 553 4.02 -6.07 21.08
N GLY A 554 4.79 -6.67 20.19
CA GLY A 554 6.08 -7.25 20.54
C GLY A 554 7.16 -6.24 20.18
N TYR A 555 8.23 -6.17 20.97
CA TYR A 555 9.29 -5.22 20.71
C TYR A 555 10.63 -5.88 20.96
N SER A 556 10.61 -7.18 21.17
CA SER A 556 11.85 -7.90 21.44
C SER A 556 12.90 -7.61 20.37
N GLY A 557 14.02 -7.03 20.81
CA GLY A 557 15.10 -6.69 19.89
C GLY A 557 14.96 -5.28 19.38
N GLY A 558 13.76 -4.73 19.55
CA GLY A 558 13.48 -3.38 19.09
C GLY A 558 14.07 -2.28 19.96
N ASP A 559 14.66 -2.64 21.11
CA ASP A 559 15.24 -1.64 21.98
C ASP A 559 14.17 -0.62 22.42
N ILE A 560 13.12 -1.12 23.07
CA ILE A 560 12.02 -0.27 23.54
C ILE A 560 11.94 -0.24 25.07
N TYR A 561 11.55 0.91 25.61
CA TYR A 561 11.42 1.09 27.05
C TYR A 561 10.20 1.95 27.35
N HIS A 562 9.26 1.40 28.10
CA HIS A 562 8.04 2.14 28.46
C HIS A 562 8.11 2.80 29.83
N SER A 563 8.33 4.12 29.81
CA SER A 563 8.43 4.95 31.00
C SER A 563 7.07 5.07 31.68
N SER B 1 -2.84 26.91 -0.66
CA SER B 1 -1.73 27.61 -1.36
C SER B 1 -2.17 28.05 -2.75
N MET B 2 -1.37 28.92 -3.36
CA MET B 2 -1.68 29.39 -4.69
C MET B 2 -1.38 28.31 -5.70
N SER B 3 -2.37 27.97 -6.51
CA SER B 3 -2.20 26.95 -7.51
C SER B 3 -1.01 27.30 -8.41
N TYR B 4 -0.73 28.59 -8.55
CA TYR B 4 0.36 29.07 -9.39
C TYR B 4 0.94 30.38 -8.89
N THR B 5 2.21 30.58 -9.18
CA THR B 5 2.91 31.82 -8.86
C THR B 5 3.60 32.22 -10.17
N TRP B 6 3.52 33.49 -10.55
CA TRP B 6 4.13 33.90 -11.81
C TRP B 6 5.22 34.95 -11.62
N THR B 7 6.30 34.82 -12.39
CA THR B 7 7.42 35.76 -12.29
C THR B 7 7.23 36.98 -13.18
N GLY B 8 6.41 36.84 -14.22
CA GLY B 8 6.20 37.95 -15.13
C GLY B 8 6.70 37.56 -16.51
N ALA B 9 7.59 36.57 -16.55
CA ALA B 9 8.13 36.08 -17.82
C ALA B 9 6.95 35.50 -18.57
N LEU B 10 6.93 35.72 -19.88
CA LEU B 10 5.85 35.25 -20.72
C LEU B 10 5.85 33.79 -21.15
N ILE B 11 4.66 33.31 -21.50
CA ILE B 11 4.47 31.95 -21.97
C ILE B 11 4.66 32.05 -23.49
N THR B 12 5.92 32.02 -23.92
CA THR B 12 6.29 32.13 -25.32
C THR B 12 6.11 30.86 -26.13
N PRO B 13 5.77 31.01 -27.43
CA PRO B 13 5.57 29.89 -28.36
C PRO B 13 6.93 29.57 -28.97
N CYS B 14 7.16 28.32 -29.34
CA CYS B 14 8.46 27.94 -29.93
C CYS B 14 8.50 28.03 -31.47
N ALA B 15 7.51 28.70 -32.07
CA ALA B 15 7.43 28.87 -33.51
C ALA B 15 6.30 29.85 -33.85
N ALA B 16 6.00 30.00 -35.13
CA ALA B 16 4.93 30.89 -35.56
C ALA B 16 3.58 30.24 -35.24
N GLU B 17 2.62 31.04 -34.81
CA GLU B 17 1.30 30.51 -34.45
C GLU B 17 0.16 30.86 -35.39
N GLU B 18 -0.46 29.84 -35.96
CA GLU B 18 -1.60 30.02 -36.87
C GLU B 18 -2.86 30.08 -36.01
N SER B 19 -3.67 31.12 -36.20
CA SER B 19 -4.89 31.26 -35.41
C SER B 19 -6.17 31.25 -36.24
N LYS B 20 -6.03 31.17 -37.55
CA LYS B 20 -7.19 31.15 -38.45
C LYS B 20 -6.84 30.40 -39.73
N LEU B 21 -7.85 30.07 -40.52
CA LEU B 21 -7.63 29.36 -41.78
C LEU B 21 -6.98 30.32 -42.80
N PRO B 22 -6.14 29.79 -43.70
CA PRO B 22 -5.44 30.59 -44.72
C PRO B 22 -6.34 31.39 -45.66
N ILE B 23 -5.80 32.42 -46.31
CA ILE B 23 -6.58 33.21 -47.27
C ILE B 23 -6.96 32.25 -48.38
N ASN B 24 -8.21 32.31 -48.83
CA ASN B 24 -8.70 31.39 -49.86
C ASN B 24 -8.63 29.97 -49.29
N PRO B 25 -9.32 29.73 -48.17
CA PRO B 25 -9.38 28.44 -47.47
C PRO B 25 -9.83 27.28 -48.36
N LEU B 26 -9.09 26.17 -48.28
CA LEU B 26 -9.42 24.98 -49.06
C LEU B 26 -10.60 24.27 -48.42
N SER B 27 -10.97 24.74 -47.23
CA SER B 27 -12.08 24.18 -46.46
C SER B 27 -13.40 24.77 -46.92
N ASN B 28 -13.32 25.60 -47.96
CA ASN B 28 -14.49 26.27 -48.52
C ASN B 28 -15.62 25.32 -48.92
N SER B 29 -15.29 24.09 -49.29
CA SER B 29 -16.30 23.12 -49.69
C SER B 29 -16.97 22.45 -48.49
N LEU B 30 -16.31 22.46 -47.34
CA LEU B 30 -16.85 21.88 -46.13
C LEU B 30 -17.73 22.86 -45.35
N LEU B 31 -17.32 24.13 -45.32
CA LEU B 31 -18.06 25.17 -44.62
C LEU B 31 -17.63 26.53 -45.16
N ARG B 32 -18.60 27.38 -45.48
CA ARG B 32 -18.29 28.69 -46.03
C ARG B 32 -18.03 29.75 -44.96
N HIS B 33 -18.35 29.44 -43.70
CA HIS B 33 -18.12 30.40 -42.62
C HIS B 33 -16.75 30.15 -42.01
N HIS B 34 -15.72 30.44 -42.79
CA HIS B 34 -14.34 30.26 -42.39
C HIS B 34 -13.98 31.06 -41.14
N ASN B 35 -14.68 32.17 -40.94
CA ASN B 35 -14.43 33.05 -39.81
C ASN B 35 -14.91 32.51 -38.47
N MET B 36 -15.77 31.50 -38.50
CA MET B 36 -16.30 30.92 -37.28
C MET B 36 -15.19 30.16 -36.54
N VAL B 37 -14.27 29.60 -37.32
CA VAL B 37 -13.16 28.81 -36.81
C VAL B 37 -11.89 29.56 -36.41
N TYR B 38 -11.30 29.15 -35.29
CA TYR B 38 -10.07 29.75 -34.78
C TYR B 38 -9.22 28.73 -34.01
N ALA B 39 -7.92 29.01 -33.93
CA ALA B 39 -6.98 28.15 -33.21
C ALA B 39 -6.47 28.99 -32.04
N THR B 40 -6.43 28.40 -30.85
CA THR B 40 -5.93 29.11 -29.67
C THR B 40 -4.42 29.29 -29.79
N THR B 41 -3.95 30.50 -29.50
CA THR B 41 -2.52 30.80 -29.57
C THR B 41 -2.02 31.30 -28.22
N SER B 42 -0.70 31.42 -28.08
CA SER B 42 -0.12 31.87 -26.82
C SER B 42 -0.45 33.33 -26.52
N ARG B 43 -1.32 33.92 -27.33
CA ARG B 43 -1.69 35.31 -27.12
C ARG B 43 -2.81 35.39 -26.08
N SER B 44 -3.54 34.30 -25.90
CA SER B 44 -4.61 34.27 -24.92
C SER B 44 -4.14 33.58 -23.64
N ALA B 45 -2.86 33.23 -23.62
CA ALA B 45 -2.26 32.56 -22.48
C ALA B 45 -2.54 33.36 -21.20
N SER B 46 -2.27 34.66 -21.27
CA SER B 46 -2.50 35.56 -20.15
C SER B 46 -3.89 35.40 -19.53
N LEU B 47 -4.90 35.21 -20.37
CA LEU B 47 -6.30 35.06 -19.93
C LEU B 47 -6.55 33.74 -19.22
N ARG B 48 -5.86 32.69 -19.68
CA ARG B 48 -5.99 31.36 -19.10
C ARG B 48 -5.39 31.36 -17.69
N GLN B 49 -4.18 31.86 -17.57
CA GLN B 49 -3.49 31.94 -16.29
C GLN B 49 -4.38 32.52 -15.20
N LYS B 50 -5.16 33.54 -15.53
CA LYS B 50 -6.05 34.18 -14.58
C LYS B 50 -7.17 33.26 -14.12
N LYS B 51 -7.57 32.34 -14.99
CA LYS B 51 -8.63 31.38 -14.68
C LYS B 51 -8.12 30.23 -13.82
N VAL B 52 -6.83 29.95 -13.91
CA VAL B 52 -6.26 28.83 -13.17
C VAL B 52 -5.50 29.22 -11.91
N THR B 53 -5.23 30.51 -11.75
CA THR B 53 -4.48 30.98 -10.59
C THR B 53 -5.37 31.42 -9.42
N PHE B 54 -5.33 30.66 -8.33
CA PHE B 54 -6.10 30.99 -7.14
C PHE B 54 -5.62 30.17 -5.94
N ASP B 55 -6.18 30.46 -4.77
CA ASP B 55 -5.81 29.77 -3.53
C ASP B 55 -6.74 28.58 -3.31
N ARG B 56 -6.19 27.44 -2.91
CA ARG B 56 -7.05 26.30 -2.68
C ARG B 56 -7.27 26.13 -1.18
N LEU B 57 -8.51 25.83 -0.81
CA LEU B 57 -8.85 25.59 0.59
C LEU B 57 -9.49 24.23 0.58
N GLN B 58 -8.91 23.30 1.32
CA GLN B 58 -9.43 21.94 1.35
C GLN B 58 -9.66 21.47 2.77
N VAL B 59 -10.87 20.96 2.99
CA VAL B 59 -11.25 20.44 4.29
C VAL B 59 -11.80 19.04 4.07
N LEU B 60 -11.08 18.06 4.60
CA LEU B 60 -11.48 16.66 4.47
C LEU B 60 -12.28 16.20 5.68
N ASP B 61 -13.32 15.41 5.43
CA ASP B 61 -14.15 14.89 6.52
C ASP B 61 -14.01 13.38 6.62
N ASP B 62 -14.86 12.75 7.42
CA ASP B 62 -14.80 11.29 7.60
C ASP B 62 -15.13 10.54 6.32
N HIS B 63 -16.07 11.04 5.54
CA HIS B 63 -16.45 10.38 4.30
C HIS B 63 -15.28 10.32 3.31
N TYR B 64 -14.43 11.34 3.31
CA TYR B 64 -13.27 11.37 2.42
C TYR B 64 -12.36 10.26 2.86
N ARG B 65 -12.10 10.21 4.15
CA ARG B 65 -11.24 9.20 4.75
C ARG B 65 -11.76 7.77 4.58
N ASP B 66 -13.07 7.58 4.61
CA ASP B 66 -13.66 6.25 4.44
C ASP B 66 -13.48 5.76 3.00
N VAL B 67 -13.85 6.62 2.03
CA VAL B 67 -13.72 6.27 0.63
C VAL B 67 -12.27 5.99 0.27
N LEU B 68 -11.34 6.74 0.88
CA LEU B 68 -9.93 6.53 0.59
C LEU B 68 -9.51 5.10 0.94
N LYS B 69 -9.80 4.68 2.17
CA LYS B 69 -9.46 3.33 2.61
C LYS B 69 -10.11 2.26 1.72
N GLU B 70 -11.39 2.47 1.42
CA GLU B 70 -12.11 1.53 0.57
C GLU B 70 -11.35 1.37 -0.75
N MET B 71 -10.84 2.48 -1.27
CA MET B 71 -10.10 2.49 -2.52
C MET B 71 -8.73 1.82 -2.35
N LYS B 72 -8.05 2.12 -1.25
CA LYS B 72 -6.74 1.56 -0.97
C LYS B 72 -6.79 0.07 -0.67
N ALA B 73 -7.97 -0.43 -0.32
CA ALA B 73 -8.10 -1.87 -0.02
C ALA B 73 -8.17 -2.61 -1.37
N LYS B 74 -8.58 -1.88 -2.41
CA LYS B 74 -8.71 -2.44 -3.75
C LYS B 74 -7.41 -2.31 -4.52
N ALA B 75 -6.69 -1.22 -4.31
CA ALA B 75 -5.41 -1.00 -4.98
C ALA B 75 -4.42 -2.06 -4.56
N SER B 76 -4.49 -2.46 -3.30
CA SER B 76 -3.56 -3.44 -2.77
C SER B 76 -3.63 -4.85 -3.40
N THR B 77 -4.54 -5.03 -4.35
CA THR B 77 -4.67 -6.33 -5.01
C THR B 77 -3.88 -6.29 -6.30
N VAL B 78 -3.33 -5.11 -6.61
CA VAL B 78 -2.57 -4.93 -7.84
C VAL B 78 -1.08 -5.22 -7.70
N LYS B 79 -0.49 -5.71 -8.78
CA LYS B 79 0.94 -5.98 -8.83
C LYS B 79 1.38 -5.34 -10.12
N ALA B 80 2.16 -4.27 -10.02
CA ALA B 80 2.63 -3.53 -11.20
C ALA B 80 3.99 -3.98 -11.68
N LYS B 81 4.17 -3.95 -12.98
CA LYS B 81 5.44 -4.36 -13.56
C LYS B 81 6.33 -3.15 -13.86
N LEU B 82 7.62 -3.31 -13.68
CA LEU B 82 8.56 -2.24 -13.97
C LEU B 82 9.03 -2.41 -15.40
N LEU B 83 8.65 -1.49 -16.28
CA LEU B 83 9.06 -1.56 -17.68
C LEU B 83 10.54 -1.34 -17.87
N SER B 84 11.12 -2.00 -18.87
CA SER B 84 12.53 -1.85 -19.17
C SER B 84 12.68 -0.59 -19.99
N ILE B 85 13.91 -0.17 -20.20
CA ILE B 85 14.16 1.02 -21.01
C ILE B 85 13.64 0.84 -22.44
N GLU B 86 13.81 -0.35 -23.01
CA GLU B 86 13.37 -0.58 -24.38
C GLU B 86 11.86 -0.48 -24.48
N GLU B 87 11.17 -1.17 -23.58
CA GLU B 87 9.71 -1.16 -23.55
C GLU B 87 9.18 0.25 -23.45
N ALA B 88 9.75 1.01 -22.51
CA ALA B 88 9.33 2.39 -22.30
C ALA B 88 9.61 3.24 -23.54
N CYS B 89 10.77 3.07 -24.15
CA CYS B 89 11.13 3.84 -25.34
C CYS B 89 10.17 3.58 -26.48
N LYS B 90 9.80 2.33 -26.69
CA LYS B 90 8.89 2.00 -27.78
C LYS B 90 7.48 2.54 -27.55
N LEU B 91 7.24 3.12 -26.38
CA LEU B 91 5.93 3.68 -26.06
C LEU B 91 5.91 5.19 -26.36
N THR B 92 7.05 5.73 -26.75
CA THR B 92 7.20 7.14 -27.05
C THR B 92 6.72 7.53 -28.44
N PRO B 93 5.81 8.52 -28.54
CA PRO B 93 5.32 8.95 -29.86
C PRO B 93 6.47 9.47 -30.72
N PRO B 94 6.47 9.11 -32.00
CA PRO B 94 7.53 9.53 -32.93
C PRO B 94 7.78 11.05 -32.93
N HIS B 95 6.72 11.82 -32.74
CA HIS B 95 6.86 13.28 -32.72
C HIS B 95 6.67 13.89 -31.33
N SER B 96 7.24 13.21 -30.33
CA SER B 96 7.18 13.66 -28.94
C SER B 96 8.27 14.70 -28.76
N ALA B 97 8.01 15.74 -27.97
CA ALA B 97 8.97 16.82 -27.72
C ALA B 97 10.41 16.33 -27.50
N LYS B 98 11.33 16.83 -28.32
CA LYS B 98 12.73 16.43 -28.19
C LYS B 98 13.30 16.85 -26.85
N SER B 99 14.39 16.20 -26.45
CA SER B 99 15.01 16.51 -25.18
C SER B 99 15.95 17.68 -25.31
N LYS B 100 16.12 18.43 -24.22
CA LYS B 100 17.00 19.58 -24.19
C LYS B 100 18.43 19.07 -23.99
N PHE B 101 18.61 17.76 -24.09
CA PHE B 101 19.95 17.19 -23.90
C PHE B 101 20.62 16.70 -25.15
N GLY B 102 20.04 17.01 -26.30
CA GLY B 102 20.64 16.61 -27.56
C GLY B 102 20.15 15.35 -28.22
N TYR B 103 18.90 14.98 -27.98
CA TYR B 103 18.34 13.80 -28.63
C TYR B 103 16.82 13.96 -28.71
N GLY B 104 16.18 13.18 -29.58
CA GLY B 104 14.76 13.30 -29.75
C GLY B 104 13.96 12.00 -29.67
N ALA B 105 12.67 12.13 -29.97
CA ALA B 105 11.74 11.00 -29.94
C ALA B 105 12.20 9.83 -30.81
N LYS B 106 12.79 10.15 -31.97
CA LYS B 106 13.25 9.11 -32.88
C LYS B 106 14.41 8.36 -32.26
N ASP B 107 15.42 9.09 -31.79
CA ASP B 107 16.59 8.47 -31.17
C ASP B 107 16.17 7.58 -30.01
N VAL B 108 15.13 8.00 -29.29
CA VAL B 108 14.61 7.23 -28.18
C VAL B 108 14.07 5.92 -28.73
N ARG B 109 13.16 6.03 -29.70
CA ARG B 109 12.60 4.84 -30.29
C ARG B 109 13.68 3.97 -30.93
N ASN B 110 14.77 4.59 -31.39
CA ASN B 110 15.87 3.83 -32.00
C ASN B 110 16.77 3.19 -30.97
N LEU B 111 16.48 3.42 -29.69
CA LEU B 111 17.30 2.89 -28.62
C LEU B 111 18.73 3.40 -28.78
N SER B 112 18.84 4.60 -29.35
CA SER B 112 20.12 5.28 -29.56
C SER B 112 20.88 5.35 -28.23
N SER B 113 22.14 4.94 -28.22
CA SER B 113 22.92 4.95 -26.99
C SER B 113 22.91 6.32 -26.32
N ARG B 114 23.00 7.38 -27.11
CA ARG B 114 23.00 8.73 -26.55
C ARG B 114 21.72 8.91 -25.74
N ALA B 115 20.59 8.57 -26.36
CA ALA B 115 19.30 8.71 -25.71
C ALA B 115 19.20 7.78 -24.51
N VAL B 116 19.39 6.48 -24.74
CA VAL B 116 19.32 5.48 -23.67
C VAL B 116 20.22 5.80 -22.48
N ASN B 117 21.38 6.39 -22.74
CA ASN B 117 22.31 6.74 -21.67
C ASN B 117 21.77 7.87 -20.82
N HIS B 118 21.04 8.79 -21.43
CA HIS B 118 20.49 9.89 -20.66
C HIS B 118 19.28 9.44 -19.86
N ILE B 119 18.47 8.56 -20.45
CA ILE B 119 17.31 8.05 -19.74
C ILE B 119 17.83 7.31 -18.51
N ARG B 120 18.76 6.38 -18.73
CA ARG B 120 19.35 5.60 -17.65
C ARG B 120 19.97 6.52 -16.60
N SER B 121 20.43 7.69 -16.99
CA SER B 121 21.01 8.59 -16.01
C SER B 121 19.93 9.32 -15.23
N VAL B 122 18.81 9.59 -15.90
CA VAL B 122 17.70 10.26 -15.25
C VAL B 122 17.09 9.32 -14.18
N TRP B 123 17.10 8.02 -14.47
CA TRP B 123 16.56 7.05 -13.54
C TRP B 123 17.45 6.96 -12.29
N GLU B 124 18.76 7.06 -12.50
CA GLU B 124 19.69 7.01 -11.38
C GLU B 124 19.46 8.19 -10.47
N ASP B 125 19.21 9.35 -11.07
CA ASP B 125 18.96 10.57 -10.33
C ASP B 125 17.73 10.45 -9.42
N LEU B 126 16.67 9.85 -9.94
CA LEU B 126 15.45 9.68 -9.15
C LEU B 126 15.72 8.87 -7.88
N LEU B 127 16.81 8.10 -7.87
CA LEU B 127 17.11 7.30 -6.70
C LEU B 127 18.13 8.01 -5.78
N GLU B 128 18.97 8.85 -6.36
CA GLU B 128 19.97 9.58 -5.58
C GLU B 128 19.39 10.84 -4.97
N ASP B 129 18.45 11.45 -5.68
CA ASP B 129 17.83 12.70 -5.28
C ASP B 129 16.34 12.52 -5.06
N THR B 130 15.91 12.76 -3.83
CA THR B 130 14.50 12.61 -3.48
C THR B 130 13.76 13.94 -3.28
N GLU B 131 14.48 15.07 -3.32
CA GLU B 131 13.89 16.40 -3.09
C GLU B 131 13.85 17.40 -4.23
N THR B 132 14.98 17.62 -4.87
CA THR B 132 15.07 18.61 -5.94
C THR B 132 13.89 18.59 -6.89
N PRO B 133 13.21 19.74 -7.05
CA PRO B 133 12.06 19.84 -7.96
C PRO B 133 12.54 19.65 -9.39
N ILE B 134 11.76 18.93 -10.19
CA ILE B 134 12.16 18.70 -11.57
C ILE B 134 11.59 19.76 -12.48
N ASP B 135 12.45 20.33 -13.31
CA ASP B 135 12.02 21.36 -14.23
C ASP B 135 10.89 20.88 -15.13
N THR B 136 10.11 21.82 -15.64
CA THR B 136 9.01 21.49 -16.55
C THR B 136 8.94 22.62 -17.56
N THR B 137 8.18 22.43 -18.62
CA THR B 137 8.06 23.45 -19.64
C THR B 137 6.60 23.79 -19.80
N ILE B 138 6.29 25.08 -19.82
CA ILE B 138 4.91 25.48 -19.98
C ILE B 138 4.76 26.04 -21.39
N MET B 139 3.74 25.57 -22.09
CA MET B 139 3.45 25.99 -23.45
C MET B 139 1.98 26.27 -23.57
N ALA B 140 1.59 27.03 -24.59
CA ALA B 140 0.18 27.31 -24.81
C ALA B 140 -0.28 26.28 -25.83
N LYS B 141 -1.26 25.46 -25.43
CA LYS B 141 -1.77 24.41 -26.29
C LYS B 141 -2.53 25.02 -27.48
N SER B 142 -2.28 24.50 -28.67
CA SER B 142 -2.96 25.03 -29.85
C SER B 142 -4.17 24.14 -30.13
N GLU B 143 -5.38 24.71 -30.01
CA GLU B 143 -6.61 23.96 -30.26
C GLU B 143 -7.62 24.78 -31.06
N VAL B 144 -8.32 24.09 -31.97
CA VAL B 144 -9.33 24.71 -32.84
C VAL B 144 -10.75 24.61 -32.31
N PHE B 145 -11.44 25.75 -32.30
CA PHE B 145 -12.81 25.84 -31.83
C PHE B 145 -13.63 26.73 -32.76
N CYS B 146 -14.92 26.86 -32.48
CA CYS B 146 -15.82 27.70 -33.26
C CYS B 146 -16.39 28.74 -32.31
N VAL B 147 -16.39 30.01 -32.73
CA VAL B 147 -16.92 31.09 -31.90
C VAL B 147 -18.33 30.74 -31.44
N GLN B 148 -18.69 31.21 -30.24
CA GLN B 148 -20.02 30.95 -29.69
C GLN B 148 -20.61 32.23 -29.11
N PRO B 149 -21.92 32.47 -29.35
CA PRO B 149 -22.67 33.63 -28.90
C PRO B 149 -22.51 34.03 -27.43
N GLY B 153 -16.73 35.11 -25.85
CA GLY B 153 -16.91 34.72 -27.30
C GLY B 153 -15.98 33.59 -27.72
N ARG B 154 -14.72 33.67 -27.31
CA ARG B 154 -13.70 32.67 -27.63
C ARG B 154 -13.05 32.17 -26.35
N LYS B 155 -12.65 30.90 -26.34
CA LYS B 155 -12.01 30.34 -25.16
C LYS B 155 -10.49 30.42 -25.25
N PRO B 156 -9.84 30.88 -24.17
CA PRO B 156 -8.37 31.01 -24.13
C PRO B 156 -7.63 29.68 -24.21
N ALA B 157 -6.41 29.73 -24.74
CA ALA B 157 -5.59 28.54 -24.88
C ALA B 157 -5.32 27.85 -23.55
N ARG B 158 -5.27 26.52 -23.55
CA ARG B 158 -4.97 25.79 -22.33
C ARG B 158 -3.47 25.64 -22.19
N LEU B 159 -3.00 25.67 -20.95
CA LEU B 159 -1.57 25.57 -20.66
C LEU B 159 -1.17 24.12 -20.46
N ILE B 160 0.01 23.76 -20.95
CA ILE B 160 0.49 22.40 -20.81
C ILE B 160 1.86 22.43 -20.16
N VAL B 161 2.02 21.64 -19.10
CA VAL B 161 3.26 21.54 -18.37
C VAL B 161 3.80 20.13 -18.48
N PHE B 162 5.08 19.98 -18.81
CA PHE B 162 5.66 18.66 -18.93
C PHE B 162 7.16 18.65 -18.69
N PRO B 163 7.70 17.54 -18.20
CA PRO B 163 9.13 17.43 -17.92
C PRO B 163 9.89 17.10 -19.20
N ASP B 164 11.20 16.91 -19.08
CA ASP B 164 12.01 16.59 -20.25
C ASP B 164 11.63 15.19 -20.79
N LEU B 165 12.00 14.94 -22.04
CA LEU B 165 11.74 13.65 -22.68
C LEU B 165 12.32 12.51 -21.84
N GLY B 166 13.55 12.70 -21.36
CA GLY B 166 14.19 11.69 -20.53
C GLY B 166 13.41 11.38 -19.25
N VAL B 167 12.72 12.37 -18.69
CA VAL B 167 11.94 12.13 -17.48
C VAL B 167 10.69 11.36 -17.87
N ARG B 168 10.11 11.74 -19.01
CA ARG B 168 8.91 11.09 -19.50
C ARG B 168 9.12 9.59 -19.67
N VAL B 169 10.30 9.20 -20.18
CA VAL B 169 10.59 7.78 -20.37
C VAL B 169 10.69 7.08 -19.03
N CYS B 170 11.26 7.75 -18.04
CA CYS B 170 11.37 7.16 -16.71
C CYS B 170 10.00 6.99 -16.05
N GLU B 171 9.08 7.92 -16.32
CA GLU B 171 7.73 7.85 -15.76
C GLU B 171 7.11 6.55 -16.26
N LYS B 172 7.24 6.34 -17.56
CA LYS B 172 6.71 5.13 -18.20
C LYS B 172 7.26 3.87 -17.54
N MET B 173 8.55 3.87 -17.25
CA MET B 173 9.16 2.70 -16.62
C MET B 173 8.58 2.43 -15.25
N ALA B 174 8.37 3.49 -14.48
CA ALA B 174 7.86 3.36 -13.12
C ALA B 174 6.34 3.26 -12.99
N LEU B 175 5.58 3.83 -13.91
CA LEU B 175 4.15 3.81 -13.74
C LEU B 175 3.26 3.43 -14.93
N TYR B 176 3.85 3.06 -16.06
CA TYR B 176 3.01 2.71 -17.18
C TYR B 176 2.01 1.61 -16.81
N ASP B 177 2.48 0.56 -16.17
CA ASP B 177 1.61 -0.54 -15.79
C ASP B 177 0.65 -0.14 -14.65
N VAL B 178 1.14 0.65 -13.71
CA VAL B 178 0.30 1.07 -12.60
C VAL B 178 -0.91 1.82 -13.09
N VAL B 179 -0.67 2.89 -13.85
CA VAL B 179 -1.75 3.74 -14.38
C VAL B 179 -2.59 3.07 -15.47
N SER B 180 -2.19 1.86 -15.87
CA SER B 180 -2.91 1.11 -16.90
C SER B 180 -3.74 0.01 -16.30
N THR B 181 -3.64 -0.20 -14.99
CA THR B 181 -4.38 -1.28 -14.37
C THR B 181 -4.99 -0.91 -13.02
N LEU B 182 -4.36 0.04 -12.34
CA LEU B 182 -4.83 0.45 -11.03
C LEU B 182 -6.25 1.01 -11.04
N PRO B 183 -6.59 1.91 -11.99
CA PRO B 183 -7.92 2.52 -12.09
C PRO B 183 -9.04 1.49 -12.12
N GLN B 184 -8.91 0.53 -13.02
CA GLN B 184 -9.90 -0.52 -13.16
C GLN B 184 -10.08 -1.23 -11.82
N ALA B 185 -8.96 -1.59 -11.21
CA ALA B 185 -8.94 -2.28 -9.94
C ALA B 185 -9.65 -1.52 -8.82
N VAL B 186 -9.39 -0.22 -8.77
CA VAL B 186 -9.96 0.61 -7.73
C VAL B 186 -11.40 1.05 -7.97
N MET B 187 -11.72 1.41 -9.20
CA MET B 187 -13.06 1.88 -9.54
C MET B 187 -13.96 0.93 -10.30
N GLY B 188 -13.39 -0.18 -10.78
CA GLY B 188 -14.20 -1.13 -11.52
C GLY B 188 -15.00 -0.52 -12.65
N SER B 189 -16.29 -0.82 -12.69
CA SER B 189 -17.18 -0.33 -13.74
C SER B 189 -17.26 1.18 -13.83
N SER B 190 -16.96 1.87 -12.73
CA SER B 190 -17.01 3.33 -12.76
C SER B 190 -15.88 3.94 -13.59
N TYR B 191 -14.84 3.15 -13.89
CA TYR B 191 -13.73 3.68 -14.69
C TYR B 191 -14.15 3.77 -16.16
N GLY B 192 -14.41 4.99 -16.60
CA GLY B 192 -14.88 5.19 -17.96
C GLY B 192 -13.94 4.93 -19.12
N PHE B 193 -12.66 4.72 -18.86
CA PHE B 193 -11.72 4.50 -19.95
C PHE B 193 -11.60 3.06 -20.43
N GLN B 194 -12.25 2.12 -19.75
CA GLN B 194 -12.19 0.71 -20.15
C GLN B 194 -13.22 0.43 -21.24
N TYR B 195 -14.25 1.27 -21.29
CA TYR B 195 -15.33 1.13 -22.24
C TYR B 195 -15.09 1.79 -23.58
N SER B 196 -15.68 1.21 -24.62
CA SER B 196 -15.59 1.78 -25.96
C SER B 196 -16.89 2.56 -26.03
N PRO B 197 -17.09 3.34 -27.09
CA PRO B 197 -18.36 4.08 -27.13
C PRO B 197 -19.57 3.16 -26.89
N LYS B 198 -19.66 2.10 -27.69
CA LYS B 198 -20.75 1.15 -27.57
C LYS B 198 -20.92 0.60 -26.16
N GLN B 199 -19.83 0.53 -25.41
CA GLN B 199 -19.88 -0.01 -24.05
C GLN B 199 -20.23 1.04 -23.02
N ARG B 200 -19.76 2.27 -23.25
CA ARG B 200 -20.04 3.37 -22.32
C ARG B 200 -21.56 3.53 -22.36
N VAL B 201 -22.10 3.56 -23.56
CA VAL B 201 -23.54 3.69 -23.75
C VAL B 201 -24.23 2.54 -23.02
N GLU B 202 -23.70 1.34 -23.21
CA GLU B 202 -24.24 0.16 -22.54
C GLU B 202 -24.30 0.39 -21.03
N PHE B 203 -23.15 0.64 -20.40
CA PHE B 203 -23.09 0.88 -18.96
C PHE B 203 -24.00 2.00 -18.50
N LEU B 204 -24.05 3.10 -19.25
CA LEU B 204 -24.92 4.21 -18.87
C LEU B 204 -26.38 3.76 -18.84
N VAL B 205 -26.82 3.13 -19.93
CA VAL B 205 -28.19 2.65 -20.06
C VAL B 205 -28.59 1.70 -18.92
N ASN B 206 -27.81 0.63 -18.73
CA ASN B 206 -28.11 -0.34 -17.69
C ASN B 206 -28.11 0.30 -16.32
N THR B 207 -27.16 1.20 -16.08
CA THR B 207 -27.09 1.88 -14.80
C THR B 207 -28.36 2.68 -14.61
N TRP B 208 -28.74 3.40 -15.66
CA TRP B 208 -29.94 4.23 -15.63
C TRP B 208 -31.18 3.39 -15.34
N LYS B 209 -31.25 2.21 -15.96
CA LYS B 209 -32.38 1.30 -15.77
C LYS B 209 -32.30 0.54 -14.46
N SER B 210 -31.09 0.39 -13.93
CA SER B 210 -30.87 -0.32 -12.67
C SER B 210 -31.49 0.43 -11.50
N LYS B 211 -31.99 1.63 -11.76
CA LYS B 211 -32.61 2.46 -10.72
C LYS B 211 -34.14 2.39 -10.84
N LYS B 212 -34.81 2.39 -9.69
CA LYS B 212 -36.27 2.36 -9.64
C LYS B 212 -36.80 3.58 -10.39
N CYS B 213 -36.22 4.73 -10.08
CA CYS B 213 -36.59 5.98 -10.73
C CYS B 213 -35.30 6.81 -10.83
N PRO B 214 -34.58 6.66 -11.94
CA PRO B 214 -33.32 7.34 -12.23
C PRO B 214 -33.29 8.87 -12.31
N MET B 215 -32.18 9.43 -11.84
CA MET B 215 -31.92 10.86 -11.84
C MET B 215 -30.40 10.97 -11.93
N GLY B 216 -29.91 11.54 -13.03
CA GLY B 216 -28.48 11.69 -13.19
C GLY B 216 -28.05 13.12 -13.47
N PHE B 217 -26.75 13.37 -13.44
CA PHE B 217 -26.22 14.69 -13.69
C PHE B 217 -24.73 14.64 -13.97
N SER B 218 -24.21 15.68 -14.61
CA SER B 218 -22.79 15.73 -14.90
C SER B 218 -22.24 16.86 -14.04
N TYR B 219 -21.06 16.65 -13.48
CA TYR B 219 -20.44 17.65 -12.64
C TYR B 219 -19.23 18.21 -13.36
N ASP B 220 -19.23 19.52 -13.58
CA ASP B 220 -18.14 20.19 -14.24
C ASP B 220 -17.33 20.98 -13.23
N THR B 221 -16.17 20.44 -12.86
CA THR B 221 -15.27 21.10 -11.92
C THR B 221 -14.63 22.28 -12.65
N ARG B 222 -14.56 23.44 -12.01
CA ARG B 222 -13.94 24.58 -12.67
C ARG B 222 -12.43 24.36 -12.65
N CYS B 223 -11.89 24.07 -13.83
CA CYS B 223 -10.46 23.84 -14.01
C CYS B 223 -9.92 22.81 -13.02
N PHE B 224 -10.24 21.56 -13.25
CA PHE B 224 -9.80 20.50 -12.36
C PHE B 224 -8.33 20.59 -11.92
N ASP B 225 -7.41 20.49 -12.87
CA ASP B 225 -5.98 20.54 -12.56
C ASP B 225 -5.58 21.54 -11.48
N SER B 226 -6.02 22.78 -11.59
CA SER B 226 -5.64 23.78 -10.59
C SER B 226 -6.24 23.52 -9.21
N THR B 227 -7.34 22.75 -9.16
CA THR B 227 -7.99 22.42 -7.90
C THR B 227 -7.29 21.28 -7.16
N VAL B 228 -6.48 20.50 -7.87
CA VAL B 228 -5.77 19.39 -7.25
C VAL B 228 -4.70 19.99 -6.36
N THR B 229 -4.65 19.55 -5.10
CA THR B 229 -3.69 20.07 -4.14
C THR B 229 -2.50 19.13 -3.93
N GLU B 230 -1.54 19.55 -3.12
CA GLU B 230 -0.38 18.69 -2.85
C GLU B 230 -0.93 17.49 -2.10
N SER B 231 -1.86 17.76 -1.19
CA SER B 231 -2.52 16.75 -0.38
C SER B 231 -3.12 15.67 -1.28
N ASP B 232 -3.80 16.10 -2.35
CA ASP B 232 -4.40 15.17 -3.29
C ASP B 232 -3.33 14.36 -4.02
N ILE B 233 -2.24 15.02 -4.42
CA ILE B 233 -1.15 14.37 -5.14
C ILE B 233 -0.47 13.30 -4.28
N ARG B 234 -0.50 13.51 -2.96
CA ARG B 234 0.11 12.58 -2.03
C ARG B 234 -0.84 11.43 -1.69
N VAL B 235 -2.15 11.70 -1.69
CA VAL B 235 -3.11 10.66 -1.39
C VAL B 235 -3.15 9.69 -2.57
N GLU B 236 -2.96 10.26 -3.75
CA GLU B 236 -2.94 9.51 -4.98
C GLU B 236 -1.69 8.61 -4.99
N GLU B 237 -0.59 9.10 -4.43
CA GLU B 237 0.63 8.32 -4.35
C GLU B 237 0.45 7.18 -3.36
N SER B 238 -0.28 7.43 -2.27
CA SER B 238 -0.47 6.40 -1.27
C SER B 238 -1.27 5.27 -1.86
N ILE B 239 -2.07 5.58 -2.88
CA ILE B 239 -2.86 4.55 -3.55
C ILE B 239 -1.92 3.78 -4.48
N TYR B 240 -0.97 4.48 -5.11
CA TYR B 240 -0.02 3.80 -5.98
C TYR B 240 0.85 2.88 -5.12
N GLN B 241 1.27 3.39 -3.96
CA GLN B 241 2.14 2.62 -3.07
C GLN B 241 1.54 1.30 -2.60
N CYS B 242 0.23 1.12 -2.80
CA CYS B 242 -0.43 -0.11 -2.39
C CYS B 242 -0.18 -1.29 -3.33
N CYS B 243 0.28 -1.00 -4.55
CA CYS B 243 0.56 -2.05 -5.52
C CYS B 243 1.84 -2.77 -5.09
N ASP B 244 2.02 -4.00 -5.56
CA ASP B 244 3.25 -4.71 -5.26
C ASP B 244 4.13 -4.10 -6.34
N LEU B 245 5.25 -3.52 -5.92
CA LEU B 245 6.14 -2.86 -6.86
C LEU B 245 7.59 -3.27 -6.67
N ALA B 246 8.38 -3.11 -7.72
CA ALA B 246 9.80 -3.39 -7.67
C ALA B 246 10.39 -2.27 -6.81
N PRO B 247 11.44 -2.56 -6.04
CA PRO B 247 12.09 -1.54 -5.18
C PRO B 247 12.34 -0.19 -5.85
N GLU B 248 13.11 -0.18 -6.93
CA GLU B 248 13.42 1.07 -7.62
C GLU B 248 12.17 1.75 -8.15
N ALA B 249 11.16 0.96 -8.49
CA ALA B 249 9.91 1.51 -8.97
C ALA B 249 9.26 2.28 -7.83
N ARG B 250 9.25 1.65 -6.65
CA ARG B 250 8.65 2.25 -5.49
C ARG B 250 9.34 3.57 -5.14
N GLN B 251 10.67 3.61 -5.34
CA GLN B 251 11.43 4.83 -5.06
C GLN B 251 11.21 5.88 -6.13
N ALA B 252 11.14 5.46 -7.39
CA ALA B 252 10.92 6.37 -8.51
C ALA B 252 9.56 7.09 -8.36
N ILE B 253 8.57 6.37 -7.83
CA ILE B 253 7.24 6.94 -7.62
C ILE B 253 7.33 7.96 -6.46
N ARG B 254 8.06 7.61 -5.41
CA ARG B 254 8.27 8.47 -4.25
C ARG B 254 8.91 9.78 -4.75
N SER B 255 10.02 9.64 -5.46
CA SER B 255 10.74 10.79 -6.00
C SER B 255 9.96 11.63 -7.00
N LEU B 256 9.25 10.98 -7.92
CA LEU B 256 8.47 11.70 -8.93
C LEU B 256 7.32 12.50 -8.30
N THR B 257 6.77 11.96 -7.21
CA THR B 257 5.69 12.63 -6.50
C THR B 257 6.18 13.92 -5.86
N GLU B 258 7.30 13.82 -5.17
CA GLU B 258 7.89 14.95 -4.47
C GLU B 258 8.59 15.97 -5.35
N ARG B 259 9.11 15.52 -6.49
CA ARG B 259 9.87 16.41 -7.35
C ARG B 259 9.16 16.82 -8.61
N LEU B 260 8.04 16.17 -8.91
CA LEU B 260 7.36 16.51 -10.15
C LEU B 260 5.90 16.76 -9.97
N TYR B 261 5.18 15.70 -9.61
CA TYR B 261 3.75 15.76 -9.46
C TYR B 261 3.14 16.79 -8.52
N ILE B 262 3.71 17.01 -7.33
CA ILE B 262 3.14 18.00 -6.41
C ILE B 262 3.41 19.42 -6.88
N GLY B 263 4.37 19.58 -7.78
CA GLY B 263 4.69 20.90 -8.29
C GLY B 263 6.16 21.06 -8.63
N GLY B 264 6.50 22.23 -9.16
CA GLY B 264 7.89 22.49 -9.54
C GLY B 264 8.00 23.78 -10.33
N PRO B 265 9.21 24.23 -10.66
CA PRO B 265 9.35 25.47 -11.43
C PRO B 265 8.70 25.33 -12.79
N LEU B 266 8.41 26.46 -13.42
CA LEU B 266 7.80 26.49 -14.75
C LEU B 266 8.71 27.24 -15.70
N THR B 267 9.05 26.65 -16.83
CA THR B 267 9.93 27.32 -17.78
C THR B 267 9.29 27.45 -19.16
N ASN B 268 9.48 28.60 -19.79
CA ASN B 268 8.92 28.81 -21.14
C ASN B 268 9.91 28.33 -22.19
N SER B 269 9.47 28.34 -23.44
CA SER B 269 10.30 27.91 -24.55
C SER B 269 11.63 28.65 -24.64
N LYS B 270 11.70 29.85 -24.08
CA LYS B 270 12.94 30.63 -24.12
C LYS B 270 13.90 30.32 -22.96
N GLY B 271 13.52 29.36 -22.11
CA GLY B 271 14.38 29.01 -20.99
C GLY B 271 14.26 29.96 -19.81
N GLN B 272 13.23 30.79 -19.84
CA GLN B 272 12.98 31.75 -18.79
C GLN B 272 12.06 31.12 -17.75
N ASN B 273 12.19 31.57 -16.51
CA ASN B 273 11.38 31.06 -15.42
C ASN B 273 10.08 31.87 -15.34
N CYS B 274 8.96 31.21 -15.60
CA CYS B 274 7.66 31.86 -15.56
C CYS B 274 7.02 31.79 -14.19
N GLY B 275 7.53 30.88 -13.37
CA GLY B 275 6.96 30.73 -12.04
C GLY B 275 7.07 29.35 -11.45
N TYR B 276 6.09 28.99 -10.62
CA TYR B 276 6.09 27.70 -9.94
C TYR B 276 4.69 27.10 -9.94
N ARG B 277 4.62 25.78 -10.02
CA ARG B 277 3.33 25.09 -10.03
C ARG B 277 3.11 24.37 -8.71
N ARG B 278 1.86 24.29 -8.28
CA ARG B 278 1.51 23.61 -7.03
C ARG B 278 0.23 22.82 -7.20
N CYS B 279 -0.09 22.52 -8.44
CA CYS B 279 -1.26 21.72 -8.75
C CYS B 279 -0.90 20.73 -9.84
N ARG B 280 -1.92 20.12 -10.42
CA ARG B 280 -1.72 19.13 -11.46
C ARG B 280 -1.02 19.66 -12.69
N ALA B 281 0.04 18.97 -13.11
CA ALA B 281 0.74 19.35 -14.33
C ALA B 281 -0.10 18.59 -15.35
N SER B 282 -0.29 19.14 -16.55
CA SER B 282 -1.13 18.42 -17.51
C SER B 282 -0.40 17.39 -18.35
N GLY B 283 0.91 17.58 -18.53
CA GLY B 283 1.67 16.65 -19.34
C GLY B 283 2.64 15.74 -18.60
N VAL B 284 2.12 14.99 -17.64
CA VAL B 284 2.93 14.02 -16.90
C VAL B 284 2.15 12.74 -17.13
N LEU B 285 2.78 11.59 -16.89
CA LEU B 285 2.10 10.32 -17.13
C LEU B 285 0.89 10.07 -16.25
N THR B 286 0.98 10.43 -14.98
CA THR B 286 -0.11 10.20 -14.04
C THR B 286 -1.31 11.17 -14.06
N THR B 287 -1.36 12.10 -15.01
CA THR B 287 -2.47 13.05 -15.05
C THR B 287 -3.85 12.41 -15.20
N SER B 288 -4.05 11.66 -16.27
CA SER B 288 -5.34 11.01 -16.50
C SER B 288 -5.71 10.07 -15.36
N CYS B 289 -4.73 9.34 -14.84
CA CYS B 289 -5.00 8.42 -13.74
C CYS B 289 -5.20 9.12 -12.41
N GLY B 290 -4.38 10.14 -12.16
CA GLY B 290 -4.49 10.88 -10.92
C GLY B 290 -5.82 11.61 -10.80
N ASN B 291 -6.28 12.18 -11.92
CA ASN B 291 -7.55 12.92 -11.93
C ASN B 291 -8.74 12.02 -11.81
N THR B 292 -8.69 10.85 -12.44
CA THR B 292 -9.79 9.92 -12.35
C THR B 292 -9.97 9.50 -10.90
N LEU B 293 -8.89 9.09 -10.25
CA LEU B 293 -8.95 8.66 -8.85
C LEU B 293 -9.44 9.81 -7.96
N THR B 294 -8.75 10.93 -8.01
CA THR B 294 -9.10 12.09 -7.19
C THR B 294 -10.57 12.48 -7.41
N CYS B 295 -10.99 12.56 -8.66
CA CYS B 295 -12.37 12.92 -8.96
C CYS B 295 -13.30 11.87 -8.38
N TYR B 296 -12.99 10.61 -8.64
CA TYR B 296 -13.80 9.52 -8.12
C TYR B 296 -13.82 9.50 -6.59
N LEU B 297 -12.68 9.81 -5.98
CA LEU B 297 -12.57 9.82 -4.53
C LEU B 297 -13.46 10.88 -3.91
N LYS B 298 -13.38 12.10 -4.45
CA LYS B 298 -14.19 13.20 -3.92
C LYS B 298 -15.68 13.04 -4.24
N ALA B 299 -15.98 12.69 -5.48
CA ALA B 299 -17.35 12.49 -5.89
C ALA B 299 -18.05 11.48 -5.00
N THR B 300 -17.41 10.34 -4.78
CA THR B 300 -18.00 9.30 -3.94
C THR B 300 -18.22 9.72 -2.49
N ALA B 301 -17.29 10.51 -1.96
CA ALA B 301 -17.39 10.99 -0.59
C ALA B 301 -18.42 12.10 -0.49
N ALA B 302 -18.61 12.82 -1.59
CA ALA B 302 -19.58 13.91 -1.63
C ALA B 302 -21.00 13.37 -1.64
N CYS B 303 -21.21 12.23 -2.29
CA CYS B 303 -22.55 11.64 -2.34
C CYS B 303 -23.01 11.27 -0.94
N ARG B 304 -22.07 10.85 -0.12
CA ARG B 304 -22.39 10.44 1.24
C ARG B 304 -22.68 11.65 2.11
N ALA B 305 -22.02 12.76 1.81
CA ALA B 305 -22.23 13.99 2.59
C ALA B 305 -23.56 14.62 2.19
N ALA B 306 -23.89 14.57 0.90
CA ALA B 306 -25.13 15.13 0.40
C ALA B 306 -26.26 14.12 0.56
N LYS B 307 -25.91 12.95 1.08
CA LYS B 307 -26.88 11.88 1.29
C LYS B 307 -27.67 11.51 0.03
N LEU B 308 -27.00 11.51 -1.12
CA LEU B 308 -27.64 11.13 -2.38
C LEU B 308 -27.85 9.61 -2.31
N GLN B 309 -28.97 9.13 -2.84
CA GLN B 309 -29.28 7.70 -2.80
C GLN B 309 -28.72 6.88 -3.96
N ASP B 310 -27.97 5.84 -3.63
CA ASP B 310 -27.37 4.93 -4.61
C ASP B 310 -26.72 5.59 -5.82
N CYS B 311 -25.49 6.06 -5.63
CA CYS B 311 -24.74 6.71 -6.69
C CYS B 311 -23.88 5.76 -7.49
N THR B 312 -23.87 5.97 -8.79
CA THR B 312 -23.04 5.16 -9.68
C THR B 312 -22.29 6.17 -10.52
N MET B 313 -20.97 6.16 -10.38
CA MET B 313 -20.13 7.10 -11.09
C MET B 313 -19.58 6.52 -12.36
N LEU B 314 -19.31 7.42 -13.29
CA LEU B 314 -18.71 7.08 -14.55
C LEU B 314 -17.72 8.23 -14.65
N VAL B 315 -16.47 7.96 -14.25
CA VAL B 315 -15.42 8.97 -14.24
C VAL B 315 -14.38 8.77 -15.32
N ASN B 316 -14.09 9.84 -16.05
CA ASN B 316 -13.09 9.84 -17.12
C ASN B 316 -12.17 11.04 -16.90
N GLY B 317 -11.13 10.87 -16.08
CA GLY B 317 -10.24 11.98 -15.80
C GLY B 317 -11.01 12.97 -14.94
N ASP B 318 -11.09 14.22 -15.39
CA ASP B 318 -11.81 15.27 -14.67
C ASP B 318 -13.31 15.24 -14.95
N ASP B 319 -13.69 14.55 -16.03
CA ASP B 319 -15.09 14.43 -16.43
C ASP B 319 -15.82 13.41 -15.57
N LEU B 320 -16.93 13.85 -14.99
CA LEU B 320 -17.75 13.01 -14.11
C LEU B 320 -19.22 13.04 -14.50
N VAL B 321 -19.94 12.00 -14.12
CA VAL B 321 -21.37 11.89 -14.38
C VAL B 321 -21.95 10.90 -13.39
N VAL B 322 -22.82 11.40 -12.51
CA VAL B 322 -23.44 10.58 -11.49
C VAL B 322 -24.88 10.21 -11.80
N ILE B 323 -25.21 8.93 -11.62
CA ILE B 323 -26.55 8.42 -11.84
C ILE B 323 -26.95 7.79 -10.51
N CYS B 324 -28.10 8.18 -9.98
CA CYS B 324 -28.53 7.67 -8.69
C CYS B 324 -30.03 7.47 -8.57
N GLU B 325 -30.45 7.16 -7.35
CA GLU B 325 -31.84 6.92 -7.01
C GLU B 325 -32.51 8.25 -6.68
N SER B 326 -33.49 8.63 -7.49
CA SER B 326 -34.22 9.88 -7.30
C SER B 326 -35.04 9.87 -6.03
N ALA B 327 -35.29 11.06 -5.47
CA ALA B 327 -36.06 11.18 -4.25
C ALA B 327 -37.07 12.34 -4.29
N GLY B 328 -37.42 12.76 -5.49
CA GLY B 328 -38.37 13.86 -5.64
C GLY B 328 -37.66 15.09 -6.16
N THR B 329 -38.32 15.78 -7.09
CA THR B 329 -37.76 16.98 -7.70
C THR B 329 -37.06 17.94 -6.74
N GLN B 330 -37.78 18.48 -5.78
CA GLN B 330 -37.20 19.42 -4.82
C GLN B 330 -36.02 18.85 -4.03
N GLU B 331 -36.12 17.59 -3.64
CA GLU B 331 -35.06 16.93 -2.88
C GLU B 331 -33.77 16.79 -3.67
N ASP B 332 -33.86 16.21 -4.87
CA ASP B 332 -32.68 16.02 -5.70
C ASP B 332 -31.89 17.33 -5.81
N ALA B 333 -32.62 18.44 -6.00
CA ALA B 333 -32.01 19.75 -6.11
C ALA B 333 -31.26 20.11 -4.82
N ALA B 334 -31.87 19.79 -3.67
CA ALA B 334 -31.26 20.08 -2.38
C ALA B 334 -30.02 19.21 -2.17
N ALA B 335 -30.12 17.93 -2.55
CA ALA B 335 -29.00 17.01 -2.41
C ALA B 335 -27.86 17.45 -3.33
N LEU B 336 -28.20 17.80 -4.57
CA LEU B 336 -27.21 18.24 -5.53
C LEU B 336 -26.45 19.48 -5.04
N ARG B 337 -27.15 20.40 -4.37
CA ARG B 337 -26.47 21.59 -3.85
C ARG B 337 -25.60 21.12 -2.70
N ALA B 338 -26.12 20.20 -1.92
CA ALA B 338 -25.39 19.65 -0.77
C ALA B 338 -24.14 19.00 -1.31
N PHE B 339 -24.31 18.26 -2.42
CA PHE B 339 -23.22 17.57 -3.09
C PHE B 339 -22.15 18.57 -3.51
N THR B 340 -22.58 19.66 -4.14
CA THR B 340 -21.65 20.68 -4.60
C THR B 340 -20.87 21.32 -3.46
N GLU B 341 -21.53 21.51 -2.33
CA GLU B 341 -20.86 22.13 -1.19
C GLU B 341 -19.75 21.22 -0.68
N ALA B 342 -19.96 19.91 -0.75
CA ALA B 342 -18.95 18.95 -0.31
C ALA B 342 -17.76 18.99 -1.29
N MET B 343 -18.06 18.85 -2.58
CA MET B 343 -17.03 18.88 -3.61
C MET B 343 -16.22 20.14 -3.42
N THR B 344 -16.92 21.25 -3.22
CA THR B 344 -16.26 22.53 -3.02
C THR B 344 -15.33 22.47 -1.79
N ARG B 345 -15.80 21.80 -0.72
CA ARG B 345 -14.96 21.66 0.46
C ARG B 345 -13.72 20.85 0.12
N TYR B 346 -13.90 19.78 -0.64
CA TYR B 346 -12.80 18.92 -1.05
C TYR B 346 -11.92 19.62 -2.08
N SER B 347 -12.23 20.88 -2.36
CA SER B 347 -11.46 21.66 -3.31
C SER B 347 -11.74 21.22 -4.74
N ALA B 348 -13.03 21.24 -5.09
CA ALA B 348 -13.49 20.88 -6.43
C ALA B 348 -14.78 21.64 -6.72
N PRO B 349 -14.71 22.98 -6.70
CA PRO B 349 -15.88 23.83 -6.97
C PRO B 349 -16.32 23.70 -8.43
N PRO B 350 -17.63 23.82 -8.68
CA PRO B 350 -18.17 23.71 -10.04
C PRO B 350 -17.84 24.87 -10.98
N GLY B 351 -17.94 24.59 -12.27
CA GLY B 351 -17.71 25.61 -13.27
C GLY B 351 -19.11 26.13 -13.49
N ASP B 352 -19.98 25.23 -13.96
CA ASP B 352 -21.36 25.58 -14.18
C ASP B 352 -22.10 24.82 -13.11
N PRO B 353 -23.04 25.48 -12.42
CA PRO B 353 -23.75 24.74 -11.37
C PRO B 353 -24.41 23.48 -11.95
N PRO B 354 -24.23 22.35 -11.27
CA PRO B 354 -24.83 21.10 -11.75
C PRO B 354 -26.35 21.11 -11.62
N GLN B 355 -27.02 20.58 -12.64
CA GLN B 355 -28.49 20.52 -12.63
C GLN B 355 -28.91 19.09 -12.95
N PRO B 356 -29.83 18.53 -12.15
CA PRO B 356 -30.33 17.18 -12.32
C PRO B 356 -31.19 16.99 -13.57
N GLU B 357 -30.88 15.94 -14.33
CA GLU B 357 -31.64 15.63 -15.53
C GLU B 357 -32.40 14.37 -15.19
N TYR B 358 -33.44 14.09 -15.96
CA TYR B 358 -34.23 12.88 -15.73
C TYR B 358 -34.38 12.13 -17.04
N ASP B 359 -33.68 12.63 -18.05
CA ASP B 359 -33.67 12.04 -19.39
C ASP B 359 -32.21 11.71 -19.72
N LEU B 360 -31.89 10.42 -19.78
CA LEU B 360 -30.52 10.00 -20.06
C LEU B 360 -29.90 10.72 -21.25
N GLU B 361 -30.70 11.04 -22.27
CA GLU B 361 -30.19 11.73 -23.45
C GLU B 361 -29.76 13.17 -23.13
N LEU B 362 -30.40 13.76 -22.12
CA LEU B 362 -30.12 15.13 -21.74
C LEU B 362 -28.87 15.28 -20.86
N ILE B 363 -28.28 14.16 -20.48
CA ILE B 363 -27.07 14.19 -19.66
C ILE B 363 -25.86 14.22 -20.60
N THR B 364 -24.98 15.18 -20.41
CA THR B 364 -23.78 15.30 -21.24
C THR B 364 -22.48 15.13 -20.47
N SER B 365 -21.72 14.09 -20.82
CA SER B 365 -20.44 13.82 -20.17
C SER B 365 -19.41 13.49 -21.25
N CYS B 366 -18.18 13.95 -21.03
CA CYS B 366 -17.10 13.74 -22.00
C CYS B 366 -17.50 14.45 -23.28
N SER B 367 -18.37 15.44 -23.14
CA SER B 367 -18.86 16.20 -24.28
C SER B 367 -19.73 15.28 -25.16
N SER B 368 -20.25 14.22 -24.54
CA SER B 368 -21.08 13.27 -25.26
C SER B 368 -22.38 12.99 -24.55
N ASN B 369 -23.33 12.46 -25.30
CA ASN B 369 -24.63 12.09 -24.73
C ASN B 369 -25.14 10.82 -25.42
N VAL B 370 -26.06 10.14 -24.75
CA VAL B 370 -26.64 8.92 -25.28
C VAL B 370 -27.91 9.18 -26.07
N SER B 371 -27.83 9.08 -27.39
CA SER B 371 -29.01 9.30 -28.25
C SER B 371 -29.46 7.96 -28.83
N VAL B 372 -30.54 7.96 -29.60
CA VAL B 372 -31.06 6.73 -30.19
C VAL B 372 -31.44 6.89 -31.67
N ALA B 373 -31.39 5.77 -32.40
CA ALA B 373 -31.73 5.72 -33.82
C ALA B 373 -32.27 4.32 -34.13
N HIS B 374 -32.47 3.99 -35.40
CA HIS B 374 -32.98 2.67 -35.77
C HIS B 374 -32.13 2.03 -36.85
N ASP B 375 -32.08 0.69 -36.87
CA ASP B 375 -31.27 -0.02 -37.86
C ASP B 375 -32.07 -0.57 -39.05
N ALA B 376 -31.40 -1.39 -39.87
CA ALA B 376 -32.03 -1.98 -41.05
C ALA B 376 -33.39 -2.58 -40.73
N SER B 377 -33.48 -3.34 -39.64
CA SER B 377 -34.73 -3.97 -39.25
C SER B 377 -35.72 -2.97 -38.66
N GLY B 378 -35.25 -1.75 -38.42
CA GLY B 378 -36.12 -0.72 -37.85
C GLY B 378 -36.27 -0.89 -36.35
N LYS B 379 -35.22 -1.40 -35.71
CA LYS B 379 -35.21 -1.62 -34.28
C LYS B 379 -34.42 -0.48 -33.61
N ARG B 380 -34.66 -0.22 -32.34
CA ARG B 380 -33.95 0.84 -31.63
C ARG B 380 -32.49 0.50 -31.32
N VAL B 381 -31.61 1.43 -31.64
CA VAL B 381 -30.18 1.24 -31.43
C VAL B 381 -29.56 2.44 -30.72
N TYR B 382 -29.23 2.28 -29.43
CA TYR B 382 -28.62 3.36 -28.67
C TYR B 382 -27.20 3.65 -29.18
N TYR B 383 -26.75 4.88 -29.02
CA TYR B 383 -25.41 5.27 -29.46
C TYR B 383 -24.94 6.56 -28.80
N LEU B 384 -23.62 6.73 -28.75
CA LEU B 384 -23.04 7.92 -28.14
C LEU B 384 -22.73 8.95 -29.21
N THR B 385 -23.19 10.17 -28.98
CA THR B 385 -22.98 11.27 -29.93
C THR B 385 -22.58 12.54 -29.18
N ARG B 386 -22.32 13.61 -29.93
CA ARG B 386 -21.93 14.89 -29.33
C ARG B 386 -22.20 16.03 -30.30
N ASP B 387 -22.28 17.25 -29.77
CA ASP B 387 -22.48 18.42 -30.61
C ASP B 387 -21.30 18.41 -31.58
N PRO B 388 -21.57 18.29 -32.88
CA PRO B 388 -20.59 18.25 -33.96
C PRO B 388 -19.83 19.52 -34.29
N THR B 389 -20.09 20.61 -33.55
CA THR B 389 -19.42 21.87 -33.84
C THR B 389 -17.89 21.78 -33.88
N THR B 390 -17.28 21.40 -32.76
CA THR B 390 -15.82 21.31 -32.69
C THR B 390 -15.23 20.22 -33.60
N PRO B 391 -15.85 19.03 -33.64
CA PRO B 391 -15.29 18.01 -34.52
C PRO B 391 -15.17 18.53 -35.96
N LEU B 392 -16.26 19.14 -36.44
CA LEU B 392 -16.28 19.70 -37.78
C LEU B 392 -15.26 20.80 -37.92
N ALA B 393 -15.36 21.81 -37.05
CA ALA B 393 -14.44 22.95 -37.05
C ALA B 393 -13.00 22.50 -37.20
N ARG B 394 -12.63 21.46 -36.45
CA ARG B 394 -11.28 20.93 -36.50
C ARG B 394 -11.05 20.18 -37.80
N ALA B 395 -12.06 19.44 -38.25
CA ALA B 395 -11.96 18.70 -39.50
C ALA B 395 -11.66 19.68 -40.63
N ALA B 396 -12.23 20.88 -40.53
CA ALA B 396 -12.05 21.92 -41.53
C ALA B 396 -10.64 22.52 -41.48
N TRP B 397 -10.08 22.54 -40.28
CA TRP B 397 -8.75 23.09 -40.08
C TRP B 397 -7.70 22.09 -40.59
N GLU B 398 -7.98 20.80 -40.39
CA GLU B 398 -7.07 19.75 -40.83
C GLU B 398 -7.12 19.60 -42.35
N THR B 399 -8.17 20.13 -42.97
CA THR B 399 -8.31 20.08 -44.42
C THR B 399 -7.40 21.13 -45.01
N ALA B 400 -7.47 22.34 -44.47
CA ALA B 400 -6.64 23.43 -44.94
C ALA B 400 -5.18 23.16 -44.56
N ARG B 401 -4.81 23.57 -43.35
CA ARG B 401 -3.45 23.40 -42.83
C ARG B 401 -3.09 21.94 -42.51
N HIS B 402 -1.80 21.63 -42.50
CA HIS B 402 -1.33 20.29 -42.20
C HIS B 402 -1.22 20.04 -40.69
N THR B 403 -1.62 18.84 -40.27
CA THR B 403 -1.59 18.46 -38.86
C THR B 403 -1.15 17.02 -38.64
N PRO B 404 -0.21 16.80 -37.72
CA PRO B 404 0.30 15.46 -37.42
C PRO B 404 -0.83 14.54 -36.97
N ILE B 405 -1.67 15.06 -36.06
CA ILE B 405 -2.81 14.31 -35.53
C ILE B 405 -4.07 14.58 -36.35
N ASN B 406 -4.87 13.55 -36.53
CA ASN B 406 -6.09 13.67 -37.32
C ASN B 406 -7.34 13.40 -36.49
N SER B 407 -7.88 14.47 -35.90
CA SER B 407 -9.07 14.34 -35.08
C SER B 407 -10.25 13.79 -35.87
N TRP B 408 -10.31 14.16 -37.16
CA TRP B 408 -11.39 13.70 -38.04
C TRP B 408 -11.44 12.18 -38.12
N LEU B 409 -10.26 11.56 -38.14
CA LEU B 409 -10.18 10.12 -38.21
C LEU B 409 -10.63 9.60 -36.84
N GLY B 410 -10.20 10.30 -35.80
CA GLY B 410 -10.56 9.91 -34.45
C GLY B 410 -12.05 9.96 -34.23
N ASN B 411 -12.70 11.00 -34.75
CA ASN B 411 -14.14 11.16 -34.60
C ASN B 411 -14.94 10.15 -35.41
N ILE B 412 -14.45 9.80 -36.59
CA ILE B 412 -15.16 8.82 -37.42
C ILE B 412 -15.17 7.49 -36.68
N ILE B 413 -14.03 7.15 -36.09
CA ILE B 413 -13.92 5.90 -35.35
C ILE B 413 -14.80 5.88 -34.09
N MET B 414 -14.66 6.89 -33.25
CA MET B 414 -15.46 6.94 -32.02
C MET B 414 -16.94 7.25 -32.25
N TYR B 415 -17.25 8.13 -33.21
CA TYR B 415 -18.63 8.48 -33.49
C TYR B 415 -19.08 8.01 -34.88
N ALA B 416 -18.82 6.74 -35.17
CA ALA B 416 -19.16 6.14 -36.46
C ALA B 416 -20.66 5.99 -36.74
N PRO B 417 -21.49 5.76 -35.70
CA PRO B 417 -22.93 5.62 -35.91
C PRO B 417 -23.70 6.93 -36.13
N THR B 418 -23.19 8.03 -35.56
CA THR B 418 -23.86 9.34 -35.65
C THR B 418 -24.11 9.85 -37.06
N LEU B 419 -25.20 10.58 -37.21
CA LEU B 419 -25.57 11.14 -38.50
C LEU B 419 -24.49 12.07 -39.05
N TRP B 420 -24.00 12.99 -38.22
CA TRP B 420 -23.00 13.96 -38.64
C TRP B 420 -21.65 13.42 -39.10
N ALA B 421 -21.14 12.39 -38.42
CA ALA B 421 -19.85 11.82 -38.78
C ALA B 421 -19.92 11.05 -40.09
N ARG B 422 -21.07 10.46 -40.37
CA ARG B 422 -21.26 9.68 -41.59
C ARG B 422 -21.50 10.52 -42.85
N MET B 423 -22.43 11.47 -42.76
CA MET B 423 -22.73 12.31 -43.91
C MET B 423 -21.68 13.36 -44.23
N ILE B 424 -20.97 13.85 -43.23
CA ILE B 424 -19.97 14.88 -43.46
C ILE B 424 -18.51 14.42 -43.46
N LEU B 425 -18.01 14.05 -42.29
CA LEU B 425 -16.62 13.62 -42.15
C LEU B 425 -16.19 12.54 -43.13
N MET B 426 -16.88 11.40 -43.12
CA MET B 426 -16.55 10.30 -44.02
C MET B 426 -16.56 10.75 -45.48
N THR B 427 -17.59 11.50 -45.85
CA THR B 427 -17.73 11.98 -47.22
C THR B 427 -16.64 12.98 -47.61
N HIS B 428 -16.43 14.00 -46.78
CA HIS B 428 -15.44 15.03 -47.05
C HIS B 428 -14.00 14.57 -47.12
N PHE B 429 -13.67 13.48 -46.42
CA PHE B 429 -12.30 12.98 -46.41
C PHE B 429 -11.98 11.86 -47.39
N PHE B 430 -12.88 10.90 -47.58
CA PHE B 430 -12.59 9.86 -48.56
C PHE B 430 -12.58 10.55 -49.91
N SER B 431 -13.26 11.69 -49.98
CA SER B 431 -13.34 12.48 -51.19
C SER B 431 -11.97 13.13 -51.42
N ILE B 432 -11.30 13.50 -50.33
CA ILE B 432 -9.98 14.11 -50.42
C ILE B 432 -8.89 13.06 -50.61
N LEU B 433 -9.00 11.94 -49.91
CA LEU B 433 -8.01 10.88 -50.02
C LEU B 433 -7.90 10.37 -51.45
N LEU B 434 -9.03 10.27 -52.13
CA LEU B 434 -9.03 9.79 -53.51
C LEU B 434 -8.30 10.73 -54.46
N ALA B 435 -8.47 12.03 -54.27
CA ALA B 435 -7.82 13.02 -55.13
C ALA B 435 -6.29 13.02 -55.04
N GLN B 436 -5.73 12.08 -54.29
CA GLN B 436 -4.28 11.96 -54.15
C GLN B 436 -3.92 10.49 -54.00
N GLU B 437 -4.95 9.65 -54.00
CA GLU B 437 -4.81 8.19 -53.88
C GLU B 437 -4.18 7.71 -52.57
N GLN B 438 -3.98 8.65 -51.64
CA GLN B 438 -3.38 8.33 -50.36
C GLN B 438 -4.24 7.48 -49.42
N LEU B 439 -5.15 6.70 -49.98
CA LEU B 439 -6.01 5.85 -49.18
C LEU B 439 -5.20 4.79 -48.44
N GLU B 440 -4.01 4.51 -48.97
CA GLU B 440 -3.14 3.51 -48.37
C GLU B 440 -2.44 4.05 -47.13
N LYS B 441 -1.90 5.28 -47.24
CA LYS B 441 -1.18 5.90 -46.13
C LYS B 441 -1.91 5.86 -44.79
N ALA B 442 -1.20 5.38 -43.76
CA ALA B 442 -1.75 5.31 -42.41
C ALA B 442 -1.61 6.68 -41.78
N LEU B 443 -2.57 7.04 -40.94
CA LEU B 443 -2.55 8.33 -40.28
C LEU B 443 -2.60 8.12 -38.77
N ASP B 444 -1.98 9.03 -38.03
CA ASP B 444 -1.98 8.94 -36.57
C ASP B 444 -3.16 9.71 -35.98
N CYS B 445 -3.86 9.08 -35.04
CA CYS B 445 -5.00 9.73 -34.38
C CYS B 445 -4.94 9.39 -32.90
N GLN B 446 -5.95 9.84 -32.14
CA GLN B 446 -5.96 9.58 -30.71
C GLN B 446 -7.27 9.03 -30.19
N ILE B 447 -7.16 8.08 -29.28
CA ILE B 447 -8.33 7.45 -28.64
C ILE B 447 -8.00 7.43 -27.16
N TYR B 448 -8.64 8.31 -26.40
CA TYR B 448 -8.43 8.44 -24.95
C TYR B 448 -7.00 8.91 -24.62
N GLY B 449 -6.47 9.80 -25.44
CA GLY B 449 -5.15 10.34 -25.18
C GLY B 449 -3.98 9.58 -25.79
N ALA B 450 -4.21 8.31 -26.15
CA ALA B 450 -3.14 7.52 -26.73
C ALA B 450 -3.06 7.76 -28.24
N CYS B 451 -1.84 7.75 -28.77
CA CYS B 451 -1.62 7.96 -30.19
C CYS B 451 -1.56 6.62 -30.91
N TYR B 452 -2.28 6.52 -32.03
CA TYR B 452 -2.32 5.30 -32.83
C TYR B 452 -2.10 5.62 -34.30
N SER B 453 -1.63 4.63 -35.07
CA SER B 453 -1.43 4.82 -36.49
C SER B 453 -2.44 3.91 -37.16
N ILE B 454 -3.42 4.51 -37.85
CA ILE B 454 -4.48 3.74 -38.51
C ILE B 454 -4.55 3.96 -40.02
N GLU B 455 -4.98 2.92 -40.73
CA GLU B 455 -5.12 2.98 -42.19
C GLU B 455 -6.57 3.26 -42.55
N PRO B 456 -6.80 4.39 -43.24
CA PRO B 456 -8.14 4.82 -43.68
C PRO B 456 -9.01 3.72 -44.27
N LEU B 457 -8.40 2.88 -45.11
CA LEU B 457 -9.10 1.79 -45.77
C LEU B 457 -9.50 0.63 -44.85
N ASP B 458 -9.30 0.79 -43.55
CA ASP B 458 -9.66 -0.27 -42.60
C ASP B 458 -10.82 0.09 -41.68
N LEU B 459 -11.45 1.22 -41.95
CA LEU B 459 -12.57 1.68 -41.13
C LEU B 459 -13.80 0.76 -41.11
N PRO B 460 -14.09 0.05 -42.20
CA PRO B 460 -15.27 -0.83 -42.20
C PRO B 460 -15.20 -1.92 -41.13
N GLN B 461 -14.03 -2.54 -41.00
CA GLN B 461 -13.82 -3.61 -40.02
C GLN B 461 -13.85 -3.09 -38.60
N ILE B 462 -13.16 -1.98 -38.36
CA ILE B 462 -13.13 -1.39 -37.03
C ILE B 462 -14.54 -0.97 -36.62
N ILE B 463 -15.17 -0.16 -37.47
CA ILE B 463 -16.52 0.32 -37.19
C ILE B 463 -17.49 -0.82 -36.91
N GLU B 464 -17.34 -1.93 -37.63
CA GLU B 464 -18.20 -3.08 -37.43
C GLU B 464 -17.81 -3.79 -36.13
N ARG B 465 -16.52 -3.73 -35.81
CA ARG B 465 -15.97 -4.37 -34.61
C ARG B 465 -16.36 -3.68 -33.31
N LEU B 466 -16.15 -2.37 -33.24
CA LEU B 466 -16.44 -1.56 -32.05
C LEU B 466 -17.91 -1.16 -31.95
N HIS B 467 -18.52 -0.83 -33.08
CA HIS B 467 -19.91 -0.41 -33.08
C HIS B 467 -20.92 -1.44 -33.58
N GLY B 468 -20.53 -2.26 -34.55
CA GLY B 468 -21.46 -3.26 -35.07
C GLY B 468 -21.99 -2.89 -36.44
N LEU B 469 -22.55 -3.87 -37.15
CA LEU B 469 -23.08 -3.65 -38.50
C LEU B 469 -24.11 -2.53 -38.62
N SER B 470 -25.10 -2.54 -37.72
CA SER B 470 -26.14 -1.52 -37.73
C SER B 470 -25.61 -0.10 -37.81
N ALA B 471 -24.30 0.06 -37.63
CA ALA B 471 -23.66 1.37 -37.69
C ALA B 471 -23.72 1.95 -39.09
N PHE B 472 -23.70 1.06 -40.09
CA PHE B 472 -23.73 1.47 -41.49
C PHE B 472 -25.18 1.59 -41.97
N THR B 473 -26.13 1.17 -41.13
CA THR B 473 -27.55 1.16 -41.47
C THR B 473 -28.52 1.90 -40.54
N LEU B 474 -28.04 2.92 -39.82
CA LEU B 474 -28.94 3.62 -38.91
C LEU B 474 -29.74 4.71 -39.65
N HIS B 475 -30.94 4.97 -39.17
CA HIS B 475 -31.82 5.96 -39.76
C HIS B 475 -32.85 6.39 -38.71
N SER B 476 -33.61 7.44 -39.03
CA SER B 476 -34.61 7.93 -38.10
C SER B 476 -33.96 8.28 -36.75
N TYR B 477 -33.06 9.25 -36.78
CA TYR B 477 -32.38 9.69 -35.57
C TYR B 477 -33.36 10.53 -34.76
N SER B 478 -33.22 10.54 -33.44
CA SER B 478 -34.11 11.31 -32.58
C SER B 478 -34.19 12.73 -33.11
N PRO B 479 -35.35 13.38 -32.90
CA PRO B 479 -35.61 14.75 -33.33
C PRO B 479 -34.54 15.72 -32.82
N GLY B 480 -34.32 15.69 -31.51
CA GLY B 480 -33.34 16.54 -30.88
C GLY B 480 -31.96 16.45 -31.52
N GLU B 481 -31.57 15.23 -31.88
CA GLU B 481 -30.28 15.00 -32.52
C GLU B 481 -30.26 15.66 -33.90
N ILE B 482 -31.29 15.39 -34.69
CA ILE B 482 -31.42 15.96 -36.03
C ILE B 482 -31.43 17.48 -35.96
N ASN B 483 -32.12 18.01 -34.97
CA ASN B 483 -32.20 19.46 -34.81
C ASN B 483 -30.84 20.07 -34.50
N ARG B 484 -30.09 19.40 -33.63
CA ARG B 484 -28.75 19.86 -33.25
C ARG B 484 -27.78 19.82 -34.42
N VAL B 485 -27.76 18.68 -35.12
CA VAL B 485 -26.89 18.52 -36.27
C VAL B 485 -27.16 19.60 -37.30
N ALA B 486 -28.44 19.93 -37.48
CA ALA B 486 -28.85 20.92 -38.45
C ALA B 486 -28.43 22.34 -38.06
N SER B 487 -28.72 22.73 -36.82
CA SER B 487 -28.36 24.07 -36.35
C SER B 487 -26.86 24.31 -36.46
N CYS B 488 -26.09 23.24 -36.33
CA CYS B 488 -24.64 23.33 -36.41
C CYS B 488 -24.19 23.46 -37.86
N LEU B 489 -24.62 22.53 -38.69
CA LEU B 489 -24.27 22.53 -40.12
C LEU B 489 -24.54 23.87 -40.79
N ARG B 490 -25.60 24.55 -40.34
CA ARG B 490 -25.93 25.83 -40.92
C ARG B 490 -25.13 26.94 -40.22
N LYS B 491 -24.80 26.74 -38.94
CA LYS B 491 -24.04 27.74 -38.21
C LYS B 491 -22.63 27.90 -38.78
N LEU B 492 -22.11 26.85 -39.40
CA LEU B 492 -20.77 26.88 -39.99
C LEU B 492 -20.82 27.20 -41.47
N GLY B 493 -21.98 26.96 -42.08
CA GLY B 493 -22.16 27.22 -43.48
C GLY B 493 -21.90 25.98 -44.31
N VAL B 494 -22.16 24.82 -43.74
CA VAL B 494 -21.96 23.56 -44.43
C VAL B 494 -23.00 23.33 -45.53
N PRO B 495 -22.56 22.84 -46.71
CA PRO B 495 -23.47 22.58 -47.83
C PRO B 495 -24.71 21.77 -47.41
N PRO B 496 -25.87 22.08 -48.03
CA PRO B 496 -27.13 21.39 -47.74
C PRO B 496 -27.03 19.89 -48.00
N LEU B 497 -28.06 19.14 -47.62
CA LEU B 497 -28.06 17.70 -47.83
C LEU B 497 -27.80 17.27 -49.28
N ARG B 498 -28.42 17.97 -50.23
CA ARG B 498 -28.27 17.65 -51.65
C ARG B 498 -26.80 17.60 -52.09
N THR B 499 -25.97 18.48 -51.54
CA THR B 499 -24.56 18.51 -51.90
C THR B 499 -23.78 17.32 -51.31
N TRP B 500 -24.22 16.79 -50.17
CA TRP B 500 -23.52 15.67 -49.54
C TRP B 500 -23.92 14.30 -50.07
N ARG B 501 -25.08 14.21 -50.69
CA ARG B 501 -25.53 12.95 -51.26
C ARG B 501 -24.84 12.80 -52.61
N HIS B 502 -24.76 13.92 -53.31
CA HIS B 502 -24.15 14.05 -54.62
C HIS B 502 -22.66 13.72 -54.51
N ARG B 503 -22.01 14.28 -53.48
CA ARG B 503 -20.58 14.07 -53.23
C ARG B 503 -20.33 12.63 -52.78
N ALA B 504 -21.24 12.10 -51.97
CA ALA B 504 -21.13 10.75 -51.43
C ALA B 504 -21.19 9.65 -52.50
N ARG B 505 -21.96 9.90 -53.55
CA ARG B 505 -22.12 8.95 -54.65
C ARG B 505 -20.89 8.91 -55.54
N SER B 506 -20.43 10.08 -55.98
CA SER B 506 -19.26 10.18 -56.83
C SER B 506 -18.07 9.47 -56.17
N VAL B 507 -17.96 9.62 -54.86
CA VAL B 507 -16.89 8.98 -54.10
C VAL B 507 -17.22 7.50 -53.90
N ARG B 508 -18.49 7.21 -53.66
CA ARG B 508 -18.92 5.82 -53.49
C ARG B 508 -18.63 5.08 -54.79
N ALA B 509 -18.72 5.83 -55.90
CA ALA B 509 -18.48 5.29 -57.23
C ALA B 509 -17.00 4.93 -57.44
N LYS B 510 -16.15 5.95 -57.40
CA LYS B 510 -14.71 5.78 -57.59
C LYS B 510 -14.12 4.71 -56.67
N LEU B 511 -14.78 4.48 -55.53
CA LEU B 511 -14.32 3.49 -54.56
C LEU B 511 -14.63 2.06 -55.00
N LEU B 512 -15.90 1.80 -55.30
CA LEU B 512 -16.29 0.48 -55.75
C LEU B 512 -15.51 0.24 -57.03
N SER B 513 -15.23 1.34 -57.74
CA SER B 513 -14.49 1.33 -58.99
C SER B 513 -12.99 1.20 -58.74
N GLN B 514 -12.64 0.50 -57.67
CA GLN B 514 -11.24 0.28 -57.30
C GLN B 514 -11.06 -1.04 -56.58
N GLY B 515 -12.17 -1.73 -56.31
CA GLY B 515 -12.08 -3.02 -55.63
C GLY B 515 -11.14 -3.03 -54.44
N GLY B 516 -10.82 -4.22 -53.95
CA GLY B 516 -9.93 -4.34 -52.80
C GLY B 516 -10.61 -3.79 -51.56
N ARG B 517 -9.81 -3.26 -50.64
CA ARG B 517 -10.36 -2.68 -49.42
C ARG B 517 -11.10 -1.41 -49.83
N ALA B 518 -10.53 -0.70 -50.80
CA ALA B 518 -11.11 0.54 -51.31
C ALA B 518 -12.55 0.35 -51.77
N ALA B 519 -12.91 -0.86 -52.16
CA ALA B 519 -14.27 -1.14 -52.63
C ALA B 519 -15.22 -1.32 -51.45
N THR B 520 -14.72 -1.93 -50.38
CA THR B 520 -15.53 -2.16 -49.20
C THR B 520 -15.95 -0.83 -48.57
N CYS B 521 -15.10 0.19 -48.74
CA CYS B 521 -15.36 1.51 -48.20
C CYS B 521 -16.47 2.22 -48.96
N GLY B 522 -16.51 2.01 -50.27
CA GLY B 522 -17.55 2.63 -51.06
C GLY B 522 -18.82 1.82 -50.90
N ARG B 523 -18.71 0.65 -50.29
CA ARG B 523 -19.85 -0.22 -50.08
C ARG B 523 -20.49 -0.02 -48.71
N TYR B 524 -19.81 -0.52 -47.69
CA TYR B 524 -20.30 -0.45 -46.31
C TYR B 524 -20.46 0.96 -45.72
N LEU B 525 -19.48 1.81 -45.95
CA LEU B 525 -19.52 3.17 -45.40
C LEU B 525 -20.65 4.03 -45.98
N PHE B 526 -20.47 4.46 -47.22
CA PHE B 526 -21.44 5.31 -47.90
C PHE B 526 -22.68 4.59 -48.45
N ASN B 527 -23.18 3.60 -47.71
CA ASN B 527 -24.37 2.88 -48.17
C ASN B 527 -25.64 3.58 -47.71
N TRP B 528 -25.87 4.76 -48.31
CA TRP B 528 -27.03 5.60 -48.03
C TRP B 528 -27.09 6.68 -49.11
N ALA B 529 -25.98 6.84 -49.82
CA ALA B 529 -25.89 7.83 -50.91
C ALA B 529 -26.71 7.28 -52.06
N VAL B 530 -26.73 5.97 -52.17
CA VAL B 530 -27.46 5.26 -53.22
C VAL B 530 -28.98 5.41 -53.06
N ARG B 531 -29.71 5.17 -54.16
CA ARG B 531 -31.17 5.25 -54.16
C ARG B 531 -31.70 3.90 -53.66
N THR B 532 -31.16 2.84 -54.24
CA THR B 532 -31.52 1.47 -53.89
C THR B 532 -30.34 0.93 -53.06
N LYS B 533 -30.62 0.57 -51.82
CA LYS B 533 -29.59 0.10 -50.91
C LYS B 533 -29.42 -1.41 -50.86
N LEU B 534 -28.16 -1.85 -50.84
CA LEU B 534 -27.83 -3.28 -50.78
C LEU B 534 -27.94 -3.75 -49.33
N LYS B 535 -27.75 -5.04 -49.10
CA LYS B 535 -27.80 -5.60 -47.76
C LYS B 535 -26.34 -5.81 -47.37
N LEU B 536 -25.99 -5.51 -46.13
CA LEU B 536 -24.61 -5.68 -45.67
C LEU B 536 -24.48 -6.89 -44.76
N THR B 537 -23.27 -7.43 -44.67
CA THR B 537 -23.02 -8.59 -43.84
C THR B 537 -21.68 -8.53 -43.11
N PRO B 538 -21.56 -9.29 -42.00
CA PRO B 538 -20.41 -9.42 -41.09
C PRO B 538 -19.03 -9.49 -41.74
N ILE B 539 -18.43 -8.32 -41.98
CA ILE B 539 -17.11 -8.20 -42.58
C ILE B 539 -16.15 -9.33 -42.19
N PRO B 540 -15.38 -9.83 -43.16
CA PRO B 540 -14.39 -10.91 -43.00
C PRO B 540 -13.39 -10.64 -41.88
N ALA B 541 -12.34 -9.88 -42.21
CA ALA B 541 -11.30 -9.53 -41.25
C ALA B 541 -11.76 -8.51 -40.20
N ALA B 542 -12.96 -8.71 -39.66
CA ALA B 542 -13.52 -7.83 -38.65
C ALA B 542 -13.71 -8.59 -37.35
N SER B 543 -14.37 -9.75 -37.43
CA SER B 543 -14.61 -10.57 -36.25
C SER B 543 -13.25 -11.05 -35.73
N GLN B 544 -12.25 -10.95 -36.60
CA GLN B 544 -10.88 -11.34 -36.25
C GLN B 544 -10.03 -10.08 -36.14
N LEU B 545 -10.40 -9.21 -35.20
CA LEU B 545 -9.68 -7.97 -34.96
C LEU B 545 -9.60 -7.73 -33.47
N ASP B 546 -8.38 -7.57 -32.96
CA ASP B 546 -8.18 -7.34 -31.53
C ASP B 546 -7.96 -5.85 -31.25
N LEU B 547 -9.00 -5.20 -30.77
CA LEU B 547 -8.95 -3.77 -30.45
C LEU B 547 -9.18 -3.56 -28.95
N SER B 548 -8.70 -4.49 -28.14
CA SER B 548 -8.86 -4.42 -26.69
C SER B 548 -7.96 -3.36 -26.05
N GLY B 549 -6.72 -3.26 -26.50
CA GLY B 549 -5.79 -2.29 -25.95
C GLY B 549 -6.18 -0.85 -26.25
N TRP B 550 -7.25 -0.71 -27.02
CA TRP B 550 -7.77 0.59 -27.42
C TRP B 550 -8.53 1.30 -26.30
N PHE B 551 -9.25 0.52 -25.50
CA PHE B 551 -10.05 1.07 -24.41
C PHE B 551 -9.72 0.40 -23.09
N VAL B 552 -8.49 0.63 -22.63
CA VAL B 552 -8.00 0.09 -21.36
C VAL B 552 -7.86 1.18 -20.30
N ALA B 553 -7.32 2.32 -20.71
CA ALA B 553 -7.13 3.45 -19.80
C ALA B 553 -6.97 4.77 -20.56
N GLY B 554 -6.93 5.88 -19.83
CA GLY B 554 -6.76 7.18 -20.46
C GLY B 554 -5.30 7.60 -20.36
N TYR B 555 -4.81 8.37 -21.33
CA TYR B 555 -3.42 8.79 -21.33
C TYR B 555 -3.16 10.24 -21.77
N SER B 556 -4.20 11.07 -21.78
CA SER B 556 -4.01 12.47 -22.19
C SER B 556 -2.88 13.12 -21.40
N GLY B 557 -1.90 13.64 -22.13
CA GLY B 557 -0.76 14.27 -21.49
C GLY B 557 0.31 13.26 -21.13
N GLY B 558 -0.04 11.98 -21.23
CA GLY B 558 0.89 10.91 -20.89
C GLY B 558 1.99 10.66 -21.90
N ASP B 559 1.89 11.23 -23.11
CA ASP B 559 2.93 11.03 -24.11
C ASP B 559 3.03 9.53 -24.45
N ILE B 560 1.87 8.90 -24.65
CA ILE B 560 1.82 7.46 -24.97
C ILE B 560 1.52 7.20 -26.44
N TYR B 561 2.22 6.22 -27.02
CA TYR B 561 2.05 5.84 -28.43
C TYR B 561 1.89 4.33 -28.52
N HIS B 562 0.70 3.89 -28.88
CA HIS B 562 0.44 2.45 -29.00
C HIS B 562 0.62 1.95 -30.44
N SER B 563 1.65 1.14 -30.65
CA SER B 563 1.94 0.59 -31.98
C SER B 563 2.16 -0.92 -31.91
C1 GOL C . 20.94 -1.96 21.85
O1 GOL C . 21.42 -2.10 23.19
C2 GOL C . 20.85 -3.32 21.13
O2 GOL C . 21.96 -4.17 21.52
C3 GOL C . 19.53 -4.03 21.46
O3 GOL C . 19.29 -5.07 20.49
C1 1O0 D . 0.16 -24.46 46.23
C2 1O0 D . 0.84 -23.34 45.72
C3 1O0 D . 2.20 -23.13 46.07
C4 1O0 D . 2.87 -24.03 46.92
C5 1O0 D . 2.17 -25.14 47.41
C6 1O0 D . 0.80 -25.39 47.09
C7 1O0 D . 0.07 -26.61 47.63
N8 1O0 D . -1.90 -28.44 44.99
C9 1O0 D . -1.49 -27.70 45.99
N10 1O0 D . -0.21 -27.60 46.54
C11 1O0 D . 0.82 -28.43 45.92
C12 1O0 D . 0.46 -29.30 44.81
C13 1O0 D . 1.41 -30.14 44.14
C14 1O0 D . 2.75 -30.15 44.57
C15 1O0 D . 3.13 -29.31 45.66
C16 1O0 D . 2.18 -28.48 46.31
C17 1O0 D . -0.98 -29.27 44.35
O18 1O0 D . -1.30 -29.99 43.40
F19 1O0 D . 5.86 -28.57 43.84
O20 1O0 D . 3.62 -31.01 43.89
C21 1O0 D . 4.70 -31.52 44.59
C22 1O0 D . 4.50 -32.57 45.54
C23 1O0 D . 5.58 -33.09 46.27
C24 1O0 D . 6.88 -32.55 46.07
C25 1O0 D . 7.14 -31.50 45.13
C26 1O0 D . 6.03 -30.94 44.35
C27 1O0 D . 6.17 -29.82 43.31
F28 1O0 D . 2.85 -22.07 45.59
F29 1O0 D . 5.35 -29.97 42.22
F30 1O0 D . 7.39 -29.74 42.70
F31 1O0 D . -1.12 -24.65 45.89
F32 1O0 D . 2.83 -25.98 48.23
C33 1O0 D . 8.55 -31.08 45.06
C34 1O0 D . 9.01 -29.83 45.58
N35 1O0 D . 9.41 -31.99 44.46
C36 1O0 D . 10.74 -31.67 44.37
C37 1O0 D . 11.28 -30.45 44.85
C38 1O0 D . 10.39 -29.53 45.47
MG MG E . -4.20 -5.69 24.51
MG MG F . 13.56 -20.84 15.52
C1 GOL G . 5.43 15.46 -25.17
O1 GOL G . 5.07 15.57 -26.55
C2 GOL G . 4.90 16.68 -24.38
O2 GOL G . 4.87 17.84 -25.23
C3 GOL G . 3.49 16.39 -23.85
O3 GOL G . 3.55 16.11 -22.46
C1 1O0 H . -28.28 8.56 -42.77
C2 1O0 H . -26.87 8.63 -42.59
C3 1O0 H . -26.12 9.56 -43.36
C4 1O0 H . -26.77 10.41 -44.29
C5 1O0 H . -28.18 10.32 -44.46
C6 1O0 H . -28.97 9.40 -43.69
C7 1O0 H . -30.48 9.33 -43.87
N8 1O0 H . -32.58 9.32 -40.74
C9 1O0 H . -31.92 9.02 -41.82
N10 1O0 H . -31.24 9.90 -42.69
C11 1O0 H . -31.28 11.31 -42.34
C12 1O0 H . -32.00 11.72 -41.14
C13 1O0 H . -32.09 13.10 -40.72
C14 1O0 H . -31.47 14.11 -41.48
C15 1O0 H . -30.75 13.73 -42.66
C16 1O0 H . -30.67 12.37 -43.07
C17 1O0 H . -32.67 10.64 -40.32
O18 1O0 H . -33.28 10.98 -39.31
F19 1O0 H . -28.17 16.24 -41.45
O20 1O0 H . -31.60 15.44 -41.00
C21 1O0 H . -31.50 16.47 -41.94
C22 1O0 H . -32.58 16.69 -42.86
C23 1O0 H . -32.50 17.71 -43.83
C24 1O0 H . -31.36 18.53 -43.89
C25 1O0 H . -30.23 18.37 -43.00
C26 1O0 H . -30.30 17.30 -41.96
C27 1O0 H . -29.16 17.04 -40.94
F28 1O0 H . -24.79 9.65 -43.20
F29 1O0 H . -29.58 16.39 -39.79
F30 1O0 H . -28.56 18.17 -40.44
F31 1O0 H . -28.96 7.67 -42.03
F32 1O0 H . -28.76 11.15 -45.34
C33 1O0 H . -29.11 19.32 -43.23
C34 1O0 H . -27.91 18.92 -43.88
N35 1O0 H . -29.31 20.64 -42.81
C36 1O0 H . -28.30 21.55 -43.02
C37 1O0 H . -27.08 21.22 -43.65
C38 1O0 H . -26.89 19.89 -44.08
MG MG I . -11.74 -2.58 -23.26
MG MG J . -14.46 24.36 -15.96
#